data_9I52
#
_entry.id   9I52
#
_cell.length_a   1.00
_cell.length_b   1.00
_cell.length_c   1.00
_cell.angle_alpha   90.00
_cell.angle_beta   90.00
_cell.angle_gamma   90.00
#
_symmetry.space_group_name_H-M   'P 1'
#
loop_
_entity.id
_entity.type
_entity.pdbx_description
1 polymer 'Beta-2 adrenergic receptor,D(1A) dopamine receptor'
2 polymer 'Guanine nucleotide-binding protein G(I)/G(S)/G(T) subunit beta-1'
3 polymer 'Guanine nucleotide-binding protein G(I)/G(S)/G(O) subunit gamma-2'
4 polymer 'Guanine nucleotide-binding protein G(s) subunit alpha isoforms short'
5 non-polymer 6-(4-imidazo[1,2-a]pyridin-8-yl-2-methyl-phenyl)-1,5-dimethyl-pyrimidine-2,4-dione
6 water water
#
loop_
_entity_poly.entity_id
_entity_poly.type
_entity_poly.pdbx_seq_one_letter_code
_entity_poly.pdbx_strand_id
1 'polypeptide(L)'
;MDSKGSSQKGSRLLLLLVVSNLLLCQGVVSDYKDDDDKDMGQPGNGSAFLLAPNGSHAPDHDVTQERDEGGSENLYFQGG
GSMRTLNTSAMDGTGLVVERDFSVRILTACFLSLLILSTLLGNTLVCAAVIRFRHLRSKVTNFFVISLAVSDLLVAVLVM
PWKAVAEIAGFWPFGSFCNIWVAFDIMCSTASILNLCVISVDRYWAISSPFRYERKMTPKAAFILISVAWTLSVLISFIP
VQLSWHKAKPTSPSDGNATSLAETIDNCDSSLSRTYAISSSVISFYIPVAIMIVTYTRIYRIAQKQIRRIAALERAAVHA
KNCQTTTGNGKPVECSQPESSFKMSFKRETKVLKTLSVIMGVFVCCWLPFFILNCILPFCGSGETQPFCIDSNTFDVFVW
FGWANSSLNPIIYAFNADFRKAFSTLLGCYRLCPATNNAIETVSINNNGAAMFSSHHEPRGSISKECNLVYLIPHAVGSS
EDLKKEEAAGIARPLEKLSPALSVILDYDTDVSLEKIQPITQNGQHPTHHHHHHHH
;
R
2 'polypeptide(L)'
;MGHHHHHHHHSELDQLRQEAEQLKNQIRDARKACADATLSQITNNIDPVGRIQMRTRRTLRGHLAKIYAMHWGTDSRLLV
SASQDGKLIIWDSYTTNKVHAIPLRSSWVMTCAYAPSGNYVACGGLDNICSIYNLKTREGNVRVSRELAGHTGYLSCCRF
LDDNQIVTSSGDTTCALWDIETGQQTTTFTGHTGDVMSLSLAPDTRLFVSGACDASAKLWDVREGMCRQTFTGHESDINA
ICFFPNGNAFATGSDDATCRLFDLRADQELMTYSHDNIICGITSVSFSKSGRLLLAGYDDFNCNVWDALKADRAGVLAGH
DNRVSCLGVTDDGMAVATGSWDSFLKIWNG
;
B
3 'polypeptide(L)' MASNNTASIAQARKLVEQLKMEANIDRIKVSKAAADLMAYCEAHAKEDPLLTPVPASENPFREKKFFCAIL G
4 'polypeptide(L)'
;MGCLGNSKTEDQRNEEKAQREANKKIEKQLQKDKQVYRATHRLLLLGAGESGKSTIVKQMRILHVNGFNGEGGEEDPQAA
RSNSDGEKATKVQDIKNNLKEAIETIVAAMSNLVPPVELANPENQFRVDYILSVMNVPDFDFPPEFYEHAKALWEDEGVR
ACYERSNEYQLIDCAQYFLDKIDVIKQADYVPSDQDLLRCRVLTSGIFETKFQVDKVNFHMFDVGAQRDERRKWIQCFND
VTAIIFVVASSSYNMVIREDNQTNRLQEALNLFKSIWNNRWLRTISVILFLNKQDLLAEKVLAGKSKIEDYFPEFARYTT
PEDATPEPGEDPRVTRAKYFIRDEFLRISTASGDGRHYCYPHFTCSVDTENIRRVFNDCRDIIQRMHLRQYELL
;
A
#
loop_
_chem_comp.id
_chem_comp.type
_chem_comp.name
_chem_comp.formula
A1IZU non-polymer 6-(4-imidazo[1,2-a]pyridin-8-yl-2-methyl-phenyl)-1,5-dimethyl-pyrimidine-2,4-dione 'C20 H18 N4 O2'
#
# COMPACT_ATOMS: atom_id res chain seq x y z
N SER A 103 25.59 53.39 3.01
CA SER A 103 24.98 52.56 1.99
C SER A 103 23.91 51.65 2.57
N VAL A 104 23.19 52.16 3.58
CA VAL A 104 22.13 51.37 4.20
C VAL A 104 21.00 51.11 3.19
N ARG A 105 20.86 51.97 2.19
CA ARG A 105 19.85 51.75 1.16
C ARG A 105 20.10 50.44 0.42
N ILE A 106 21.36 50.17 0.09
CA ILE A 106 21.69 48.93 -0.61
C ILE A 106 21.38 47.72 0.26
N LEU A 107 21.71 47.78 1.55
CA LEU A 107 21.43 46.67 2.46
C LEU A 107 19.92 46.43 2.57
N THR A 108 19.14 47.51 2.70
CA THR A 108 17.69 47.36 2.79
C THR A 108 17.13 46.76 1.50
N ALA A 109 17.63 47.22 0.35
CA ALA A 109 17.17 46.67 -0.93
C ALA A 109 17.50 45.19 -1.04
N CYS A 110 18.71 44.81 -0.61
CA CYS A 110 19.08 43.40 -0.65
C CYS A 110 18.20 42.57 0.26
N PHE A 111 17.90 43.07 1.47
CA PHE A 111 17.03 42.33 2.39
C PHE A 111 15.64 42.15 1.79
N LEU A 112 15.09 43.21 1.22
CA LEU A 112 13.73 43.12 0.66
C LEU A 112 13.71 42.17 -0.55
N SER A 113 14.74 42.23 -1.39
CA SER A 113 14.82 41.31 -2.53
C SER A 113 14.93 39.87 -2.05
N LEU A 114 15.72 39.62 -1.00
CA LEU A 114 15.83 38.28 -0.46
C LEU A 114 14.49 37.79 0.07
N LEU A 115 13.75 38.67 0.76
CA LEU A 115 12.44 38.29 1.28
C LEU A 115 11.48 37.91 0.15
N ILE A 116 11.43 38.75 -0.89
CA ILE A 116 10.53 38.49 -2.01
C ILE A 116 10.91 37.19 -2.72
N LEU A 117 12.21 36.98 -2.94
CA LEU A 117 12.67 35.78 -3.61
C LEU A 117 12.38 34.53 -2.78
N SER A 118 12.57 34.62 -1.47
CA SER A 118 12.27 33.48 -0.61
C SER A 118 10.79 33.12 -0.66
N THR A 119 9.92 34.13 -0.59
CA THR A 119 8.48 33.87 -0.67
C THR A 119 8.13 33.22 -2.01
N LEU A 120 8.65 33.77 -3.11
CA LEU A 120 8.36 33.24 -4.43
C LEU A 120 8.83 31.79 -4.55
N LEU A 121 10.07 31.52 -4.14
CA LEU A 121 10.64 30.18 -4.27
C LEU A 121 9.84 29.18 -3.43
N GLY A 122 9.55 29.50 -2.17
CA GLY A 122 8.84 28.57 -1.33
C GLY A 122 7.46 28.24 -1.85
N ASN A 123 6.71 29.27 -2.25
CA ASN A 123 5.34 29.00 -2.67
C ASN A 123 5.29 28.37 -4.06
N THR A 124 6.27 28.63 -4.91
CA THR A 124 6.34 27.94 -6.20
C THR A 124 6.69 26.47 -6.00
N LEU A 125 7.63 26.18 -5.10
CA LEU A 125 7.97 24.79 -4.80
C LEU A 125 6.76 24.05 -4.24
N VAL A 126 5.99 24.69 -3.35
CA VAL A 126 4.78 24.04 -2.86
C VAL A 126 3.79 23.81 -3.99
N CYS A 127 3.62 24.81 -4.86
CA CYS A 127 2.72 24.63 -6.00
C CYS A 127 3.23 23.59 -6.99
N ALA A 128 4.56 23.56 -7.21
CA ALA A 128 5.12 22.64 -8.19
C ALA A 128 4.94 21.19 -7.76
N ALA A 129 5.14 20.90 -6.47
CA ALA A 129 5.11 19.52 -5.99
C ALA A 129 3.73 18.90 -6.13
N VAL A 130 2.68 19.67 -5.86
CA VAL A 130 1.33 19.13 -5.91
C VAL A 130 0.94 18.77 -7.33
N ILE A 131 1.39 19.56 -8.31
CA ILE A 131 1.07 19.26 -9.70
C ILE A 131 1.79 18.00 -10.17
N ARG A 132 3.06 17.85 -9.78
CA ARG A 132 3.85 16.73 -10.30
C ARG A 132 3.40 15.40 -9.73
N PHE A 133 3.07 15.36 -8.44
CA PHE A 133 2.69 14.13 -7.75
C PHE A 133 1.20 14.11 -7.49
N ARG A 134 0.54 13.04 -7.91
CA ARG A 134 -0.90 12.90 -7.72
C ARG A 134 -1.27 12.19 -6.43
N HIS A 135 -0.30 11.79 -5.62
CA HIS A 135 -0.57 11.27 -4.29
C HIS A 135 -0.70 12.36 -3.24
N LEU A 136 -0.37 13.62 -3.61
CA LEU A 136 -0.66 14.79 -2.80
C LEU A 136 -2.01 15.40 -3.14
N ARG A 137 -2.34 15.47 -4.42
CA ARG A 137 -3.62 15.99 -4.89
C ARG A 137 -4.79 15.09 -4.51
N SER A 138 -4.53 13.84 -4.12
CA SER A 138 -5.61 12.92 -3.81
C SER A 138 -6.35 13.31 -2.54
N LYS A 139 -5.63 13.77 -1.52
CA LYS A 139 -6.24 14.09 -0.24
C LYS A 139 -6.96 15.43 -0.28
N VAL A 140 -8.16 15.46 0.31
CA VAL A 140 -8.90 16.72 0.42
C VAL A 140 -8.23 17.68 1.38
N THR A 141 -7.45 17.17 2.35
CA THR A 141 -6.78 18.05 3.30
C THR A 141 -5.75 18.95 2.61
N ASN A 142 -5.17 18.49 1.52
CA ASN A 142 -4.22 19.29 0.75
C ASN A 142 -4.90 20.25 -0.21
N PHE A 143 -6.24 20.20 -0.32
CA PHE A 143 -6.95 21.20 -1.10
C PHE A 143 -6.84 22.59 -0.48
N PHE A 144 -6.51 22.65 0.82
CA PHE A 144 -6.41 23.91 1.53
C PHE A 144 -4.98 24.43 1.61
N VAL A 145 -3.98 23.53 1.52
CA VAL A 145 -2.59 23.97 1.50
C VAL A 145 -2.26 24.66 0.18
N ILE A 146 -2.79 24.14 -0.93
CA ILE A 146 -2.51 24.74 -2.23
C ILE A 146 -3.17 26.10 -2.36
N SER A 147 -4.37 26.26 -1.78
CA SER A 147 -5.02 27.56 -1.78
C SER A 147 -4.19 28.59 -1.01
N LEU A 148 -3.63 28.17 0.13
CA LEU A 148 -2.76 29.05 0.90
C LEU A 148 -1.50 29.40 0.10
N ALA A 149 -0.94 28.43 -0.61
CA ALA A 149 0.23 28.70 -1.44
C ALA A 149 -0.10 29.70 -2.55
N VAL A 150 -1.29 29.58 -3.15
CA VAL A 150 -1.71 30.52 -4.18
C VAL A 150 -1.85 31.93 -3.61
N SER A 151 -2.46 32.05 -2.43
CA SER A 151 -2.61 33.37 -1.82
C SER A 151 -1.26 33.99 -1.50
N ASP A 152 -0.33 33.20 -0.96
CA ASP A 152 1.00 33.69 -0.67
C ASP A 152 1.74 34.10 -1.95
N LEU A 153 1.53 33.35 -3.03
CA LEU A 153 2.15 33.69 -4.31
C LEU A 153 1.63 35.03 -4.82
N LEU A 154 0.32 35.25 -4.75
CA LEU A 154 -0.23 36.54 -5.17
C LEU A 154 0.27 37.67 -4.28
N VAL A 155 0.47 37.40 -2.98
CA VAL A 155 1.10 38.41 -2.13
C VAL A 155 2.50 38.73 -2.63
N ALA A 156 3.28 37.70 -2.99
CA ALA A 156 4.65 37.91 -3.42
C ALA A 156 4.74 38.65 -4.75
N VAL A 157 3.76 38.46 -5.63
CA VAL A 157 3.85 39.00 -6.98
C VAL A 157 3.21 40.39 -7.08
N LEU A 158 1.97 40.53 -6.62
CA LEU A 158 1.19 41.73 -6.86
C LEU A 158 1.32 42.79 -5.78
N VAL A 159 2.02 42.51 -4.68
CA VAL A 159 1.99 43.43 -3.54
C VAL A 159 3.40 43.86 -3.14
N MET A 160 4.25 42.89 -2.79
CA MET A 160 5.54 43.20 -2.20
C MET A 160 6.47 44.03 -3.11
N PRO A 161 6.66 43.68 -4.39
CA PRO A 161 7.69 44.39 -5.17
C PRO A 161 7.46 45.89 -5.30
N TRP A 162 6.21 46.33 -5.42
CA TRP A 162 5.94 47.74 -5.66
C TRP A 162 6.18 48.57 -4.41
N LYS A 163 5.74 48.09 -3.25
CA LYS A 163 6.08 48.77 -2.01
C LYS A 163 7.58 48.72 -1.73
N ALA A 164 8.25 47.63 -2.13
CA ALA A 164 9.70 47.57 -1.98
C ALA A 164 10.38 48.64 -2.82
N VAL A 165 9.93 48.81 -4.07
CA VAL A 165 10.48 49.85 -4.93
C VAL A 165 10.23 51.22 -4.34
N ALA A 166 9.00 51.47 -3.86
CA ALA A 166 8.68 52.75 -3.24
C ALA A 166 9.54 53.01 -2.01
N GLU A 167 9.94 51.95 -1.30
CA GLU A 167 10.84 52.12 -0.16
C GLU A 167 12.22 52.58 -0.63
N ILE A 168 12.74 51.95 -1.68
CA ILE A 168 14.10 52.28 -2.14
C ILE A 168 14.14 53.68 -2.73
N ALA A 169 13.18 53.99 -3.61
CA ALA A 169 13.19 55.29 -4.28
C ALA A 169 12.86 56.43 -3.31
N GLY A 170 11.83 56.26 -2.49
CA GLY A 170 11.38 57.29 -1.57
C GLY A 170 10.05 57.92 -1.92
N PHE A 171 9.40 57.51 -3.00
CA PHE A 171 8.09 58.05 -3.38
C PHE A 171 7.33 56.97 -4.13
N TRP A 172 6.19 57.34 -4.71
CA TRP A 172 5.35 56.40 -5.43
C TRP A 172 5.48 56.66 -6.93
N PRO A 173 6.23 55.84 -7.66
CA PRO A 173 6.47 56.10 -9.08
C PRO A 173 5.31 55.70 -10.00
N PHE A 174 4.23 55.16 -9.46
CA PHE A 174 3.18 54.60 -10.30
C PHE A 174 1.93 55.48 -10.37
N GLY A 175 1.69 56.32 -9.37
CA GLY A 175 0.68 57.36 -9.47
C GLY A 175 -0.76 56.89 -9.36
N SER A 176 -1.25 56.24 -10.41
CA SER A 176 -2.63 55.78 -10.44
C SER A 176 -2.78 54.33 -9.99
N PHE A 177 -1.69 53.66 -9.65
CA PHE A 177 -1.74 52.27 -9.20
C PHE A 177 -1.88 52.15 -7.69
N CYS A 178 -1.83 53.28 -6.96
CA CYS A 178 -1.98 53.22 -5.50
C CYS A 178 -3.36 52.72 -5.10
N ASN A 179 -4.40 53.13 -5.82
CA ASN A 179 -5.75 52.77 -5.44
C ASN A 179 -6.09 51.33 -5.77
N ILE A 180 -5.36 50.71 -6.71
CA ILE A 180 -5.56 49.29 -7.00
C ILE A 180 -4.61 48.43 -6.17
N TRP A 181 -3.42 48.94 -5.87
CA TRP A 181 -2.48 48.20 -5.04
C TRP A 181 -3.03 47.98 -3.63
N VAL A 182 -3.75 48.97 -3.09
CA VAL A 182 -4.33 48.81 -1.76
C VAL A 182 -5.35 47.69 -1.75
N ALA A 183 -6.20 47.63 -2.78
CA ALA A 183 -7.19 46.57 -2.87
C ALA A 183 -6.53 45.21 -3.01
N PHE A 184 -5.48 45.12 -3.84
CA PHE A 184 -4.76 43.85 -3.98
C PHE A 184 -4.14 43.43 -2.66
N ASP A 185 -3.55 44.37 -1.93
CA ASP A 185 -2.97 44.07 -0.63
C ASP A 185 -4.01 43.50 0.33
N ILE A 186 -5.15 44.19 0.45
CA ILE A 186 -6.19 43.74 1.37
C ILE A 186 -6.69 42.36 0.97
N MET A 187 -6.96 42.16 -0.31
CA MET A 187 -7.50 40.87 -0.76
C MET A 187 -6.52 39.74 -0.51
N CYS A 188 -5.26 39.94 -0.89
CA CYS A 188 -4.29 38.85 -0.81
C CYS A 188 -3.84 38.55 0.60
N SER A 189 -3.99 39.50 1.54
CA SER A 189 -3.70 39.19 2.93
C SER A 189 -4.90 38.54 3.62
N THR A 190 -6.10 39.04 3.34
CA THR A 190 -7.31 38.45 3.92
C THR A 190 -7.48 37.01 3.46
N ALA A 191 -7.17 36.73 2.19
CA ALA A 191 -7.29 35.36 1.70
C ALA A 191 -6.34 34.43 2.43
N SER A 192 -5.11 34.87 2.69
CA SER A 192 -4.16 34.05 3.41
C SER A 192 -4.64 33.75 4.83
N ILE A 193 -5.13 34.77 5.53
CA ILE A 193 -5.60 34.56 6.90
C ILE A 193 -6.81 33.61 6.92
N LEU A 194 -7.74 33.80 5.99
CA LEU A 194 -8.92 32.93 5.93
C LEU A 194 -8.54 31.50 5.56
N ASN A 195 -7.52 31.32 4.72
CA ASN A 195 -7.04 29.98 4.40
C ASN A 195 -6.44 29.31 5.63
N LEU A 196 -5.71 30.08 6.44
CA LEU A 196 -5.19 29.52 7.69
C LEU A 196 -6.31 29.07 8.61
N CYS A 197 -7.36 29.89 8.72
CA CYS A 197 -8.51 29.52 9.55
C CYS A 197 -9.19 28.25 9.04
N VAL A 198 -9.35 28.14 7.72
CA VAL A 198 -9.99 26.96 7.15
C VAL A 198 -9.13 25.71 7.35
N ILE A 199 -7.81 25.86 7.24
CA ILE A 199 -6.91 24.75 7.52
C ILE A 199 -7.08 24.26 8.96
N SER A 200 -7.15 25.20 9.91
CA SER A 200 -7.33 24.81 11.30
C SER A 200 -8.65 24.08 11.51
N VAL A 201 -9.73 24.57 10.89
CA VAL A 201 -11.03 23.92 11.05
C VAL A 201 -11.01 22.52 10.45
N ASP A 202 -10.38 22.37 9.30
CA ASP A 202 -10.27 21.05 8.67
C ASP A 202 -9.51 20.07 9.57
N ARG A 203 -8.38 20.50 10.12
CA ARG A 203 -7.61 19.63 11.00
C ARG A 203 -8.41 19.24 12.24
N TYR A 204 -9.12 20.22 12.82
CA TYR A 204 -9.92 19.93 14.00
C TYR A 204 -11.02 18.92 13.70
N TRP A 205 -11.72 19.08 12.58
CA TRP A 205 -12.78 18.15 12.25
C TRP A 205 -12.24 16.75 11.96
N ALA A 206 -11.07 16.67 11.32
CA ALA A 206 -10.45 15.37 11.08
C ALA A 206 -10.10 14.69 12.39
N ILE A 207 -9.49 15.41 13.32
CA ILE A 207 -9.00 14.78 14.54
C ILE A 207 -10.14 14.44 15.49
N SER A 208 -11.16 15.30 15.56
CA SER A 208 -12.19 15.13 16.59
C SER A 208 -13.27 14.13 16.18
N SER A 209 -13.64 14.10 14.91
CA SER A 209 -14.68 13.21 14.40
C SER A 209 -14.15 12.47 13.19
N PRO A 210 -13.29 11.46 13.41
CA PRO A 210 -12.64 10.80 12.27
C PRO A 210 -13.57 10.00 11.38
N PHE A 211 -14.76 9.62 11.85
CA PHE A 211 -15.67 8.84 11.04
C PHE A 211 -16.64 9.71 10.24
N ARG A 212 -17.16 10.77 10.85
CA ARG A 212 -18.00 11.71 10.12
C ARG A 212 -17.17 12.52 9.13
N TYR A 213 -15.88 12.71 9.41
CA TYR A 213 -15.01 13.39 8.45
C TYR A 213 -14.86 12.60 7.17
N GLU A 214 -14.73 11.27 7.27
CA GLU A 214 -14.49 10.45 6.09
C GLU A 214 -15.71 10.35 5.18
N ARG A 215 -16.91 10.56 5.72
CA ARG A 215 -18.13 10.42 4.91
C ARG A 215 -18.69 11.76 4.44
N LYS A 216 -18.30 12.86 5.07
CA LYS A 216 -18.87 14.17 4.76
C LYS A 216 -17.90 15.14 4.10
N MET A 217 -16.60 15.01 4.37
CA MET A 217 -15.61 15.89 3.74
C MET A 217 -15.33 15.39 2.31
N THR A 218 -16.34 15.54 1.47
CA THR A 218 -16.21 15.23 0.07
C THR A 218 -15.43 16.33 -0.64
N PRO A 219 -14.80 16.02 -1.78
CA PRO A 219 -14.07 17.07 -2.52
C PRO A 219 -14.96 18.21 -3.00
N LYS A 220 -16.28 18.12 -2.86
CA LYS A 220 -17.17 19.21 -3.22
C LYS A 220 -17.49 20.12 -2.05
N ALA A 221 -17.04 19.80 -0.84
CA ALA A 221 -17.17 20.71 0.30
C ALA A 221 -15.93 21.56 0.48
N ALA A 222 -14.76 21.02 0.15
CA ALA A 222 -13.54 21.82 0.14
C ALA A 222 -13.67 22.97 -0.86
N PHE A 223 -14.25 22.69 -2.02
CA PHE A 223 -14.44 23.74 -3.02
C PHE A 223 -15.35 24.83 -2.50
N ILE A 224 -16.43 24.46 -1.80
CA ILE A 224 -17.33 25.46 -1.23
C ILE A 224 -16.62 26.30 -0.18
N LEU A 225 -15.84 25.66 0.69
CA LEU A 225 -15.11 26.41 1.71
C LEU A 225 -14.11 27.38 1.09
N ILE A 226 -13.36 26.92 0.09
CA ILE A 226 -12.37 27.79 -0.56
C ILE A 226 -13.06 28.94 -1.28
N SER A 227 -14.19 28.65 -1.94
CA SER A 227 -14.95 29.70 -2.61
C SER A 227 -15.45 30.74 -1.62
N VAL A 228 -15.94 30.30 -0.47
CA VAL A 228 -16.41 31.25 0.54
C VAL A 228 -15.26 32.12 1.03
N ALA A 229 -14.09 31.51 1.29
CA ALA A 229 -12.95 32.28 1.75
C ALA A 229 -12.54 33.35 0.74
N TRP A 230 -12.39 32.96 -0.53
CA TRP A 230 -11.95 33.90 -1.53
C TRP A 230 -13.02 34.95 -1.85
N THR A 231 -14.30 34.58 -1.76
CA THR A 231 -15.36 35.55 -1.94
C THR A 231 -15.36 36.60 -0.84
N LEU A 232 -15.17 36.17 0.42
CA LEU A 232 -15.05 37.14 1.50
C LEU A 232 -13.83 38.04 1.29
N SER A 233 -12.74 37.48 0.78
CA SER A 233 -11.57 38.29 0.49
C SER A 233 -11.88 39.36 -0.56
N VAL A 234 -12.60 38.98 -1.62
CA VAL A 234 -12.89 39.91 -2.70
C VAL A 234 -13.89 40.98 -2.26
N LEU A 235 -14.86 40.60 -1.43
CA LEU A 235 -15.95 41.52 -1.09
C LEU A 235 -15.48 42.75 -0.34
N ILE A 236 -14.54 42.60 0.61
CA ILE A 236 -14.14 43.71 1.47
C ILE A 236 -12.97 44.48 0.90
N SER A 237 -12.39 44.05 -0.22
CA SER A 237 -11.17 44.66 -0.72
C SER A 237 -11.37 45.51 -1.97
N PHE A 238 -12.28 45.12 -2.87
CA PHE A 238 -12.47 45.86 -4.11
C PHE A 238 -13.73 46.70 -4.11
N ILE A 239 -14.86 46.14 -3.65
CA ILE A 239 -16.09 46.91 -3.61
C ILE A 239 -15.96 48.17 -2.76
N PRO A 240 -15.42 48.11 -1.54
CA PRO A 240 -15.27 49.37 -0.78
C PRO A 240 -14.18 50.27 -1.29
N VAL A 241 -13.06 49.71 -1.76
CA VAL A 241 -11.93 50.56 -2.17
C VAL A 241 -12.24 51.30 -3.45
N GLN A 242 -12.84 50.64 -4.44
CA GLN A 242 -13.30 51.37 -5.62
C GLN A 242 -14.71 51.91 -5.41
N LEU A 243 -14.92 52.49 -4.23
CA LEU A 243 -16.10 53.30 -3.95
C LEU A 243 -15.75 54.46 -3.02
N SER A 244 -14.47 54.66 -2.72
CA SER A 244 -14.01 55.68 -1.76
C SER A 244 -14.66 55.50 -0.39
N TRP A 245 -14.75 54.24 0.05
CA TRP A 245 -15.27 53.94 1.38
C TRP A 245 -14.19 53.67 2.41
N HIS A 246 -12.97 53.30 1.97
CA HIS A 246 -11.91 53.01 2.92
C HIS A 246 -11.29 54.28 3.48
N LYS A 247 -11.17 55.34 2.67
CA LYS A 247 -10.52 56.56 3.11
C LYS A 247 -11.45 57.40 3.98
N ALA A 248 -10.85 58.16 4.89
CA ALA A 248 -11.61 59.09 5.70
C ALA A 248 -12.12 60.24 4.85
N LYS A 249 -13.40 60.59 5.04
CA LYS A 249 -13.98 61.71 4.31
C LYS A 249 -13.23 63.02 4.51
N PRO A 250 -12.76 63.38 5.73
CA PRO A 250 -11.88 64.55 5.87
C PRO A 250 -10.72 64.59 4.87
N ASN A 267 2.04 60.70 -3.45
CA ASN A 267 2.49 59.48 -2.79
C ASN A 267 1.31 58.60 -2.40
N CYS A 268 1.60 57.40 -1.90
CA CYS A 268 0.57 56.44 -1.50
C CYS A 268 0.71 56.22 0.00
N ASP A 269 0.12 57.12 0.78
CA ASP A 269 0.17 57.05 2.24
C ASP A 269 -1.16 57.46 2.85
N SER A 270 -2.26 56.96 2.28
CA SER A 270 -3.58 57.36 2.73
C SER A 270 -3.86 56.85 4.14
N SER A 271 -4.85 57.46 4.78
CA SER A 271 -5.29 57.10 6.12
C SER A 271 -6.69 56.51 6.02
N LEU A 272 -6.87 55.32 6.61
CA LEU A 272 -8.14 54.62 6.51
C LEU A 272 -9.21 55.28 7.36
N SER A 273 -10.45 55.08 6.96
CA SER A 273 -11.58 55.62 7.72
C SER A 273 -11.69 54.94 9.08
N ARG A 274 -12.24 55.67 10.04
CA ARG A 274 -12.40 55.12 11.39
C ARG A 274 -13.35 53.94 11.40
N THR A 275 -14.34 53.92 10.50
CA THR A 275 -15.29 52.82 10.42
C THR A 275 -14.72 51.63 9.65
N TYR A 276 -14.17 51.88 8.47
CA TYR A 276 -13.66 50.79 7.64
C TYR A 276 -12.49 50.09 8.30
N ALA A 277 -11.62 50.83 8.97
CA ALA A 277 -10.46 50.20 9.61
C ALA A 277 -10.90 49.21 10.67
N ILE A 278 -11.92 49.55 11.45
CA ILE A 278 -12.43 48.63 12.46
C ILE A 278 -13.17 47.47 11.81
N SER A 279 -13.99 47.75 10.79
CA SER A 279 -14.80 46.70 10.18
C SER A 279 -13.92 45.65 9.50
N SER A 280 -12.92 46.09 8.74
CA SER A 280 -12.08 45.15 8.01
C SER A 280 -11.08 44.44 8.91
N SER A 281 -10.64 45.08 10.00
CA SER A 281 -9.72 44.42 10.91
C SER A 281 -10.39 43.29 11.67
N VAL A 282 -11.70 43.40 11.91
CA VAL A 282 -12.42 42.33 12.59
C VAL A 282 -12.60 41.13 11.68
N ILE A 283 -13.24 41.34 10.53
CA ILE A 283 -13.55 40.25 9.60
C ILE A 283 -12.28 39.58 9.08
N SER A 284 -11.19 40.32 8.98
CA SER A 284 -9.96 39.77 8.42
C SER A 284 -8.99 39.24 9.45
N PHE A 285 -9.06 39.71 10.70
CA PHE A 285 -8.15 39.20 11.71
C PHE A 285 -8.84 38.60 12.93
N TYR A 286 -9.76 39.34 13.55
CA TYR A 286 -10.18 39.00 14.90
C TYR A 286 -11.11 37.79 14.94
N ILE A 287 -12.05 37.71 14.01
CA ILE A 287 -12.88 36.50 13.91
C ILE A 287 -12.03 35.30 13.51
N PRO A 288 -11.17 35.38 12.47
CA PRO A 288 -10.32 34.22 12.17
C PRO A 288 -9.38 33.80 13.29
N VAL A 289 -8.86 34.73 14.08
CA VAL A 289 -7.89 34.36 15.11
C VAL A 289 -8.56 33.74 16.33
N ALA A 290 -9.84 34.03 16.56
CA ALA A 290 -10.55 33.37 17.65
C ALA A 290 -10.90 31.93 17.30
N ILE A 291 -11.31 31.70 16.04
CA ILE A 291 -11.58 30.34 15.58
C ILE A 291 -10.34 29.49 15.68
N MET A 292 -9.19 30.04 15.28
CA MET A 292 -7.94 29.28 15.37
C MET A 292 -7.62 28.93 16.81
N ILE A 293 -7.88 29.86 17.74
CA ILE A 293 -7.59 29.61 19.15
C ILE A 293 -8.49 28.51 19.70
N VAL A 294 -9.78 28.54 19.37
CA VAL A 294 -10.68 27.54 19.93
C VAL A 294 -10.41 26.17 19.31
N THR A 295 -10.10 26.12 18.01
CA THR A 295 -9.87 24.84 17.36
C THR A 295 -8.55 24.22 17.80
N TYR A 296 -7.50 25.03 17.95
CA TYR A 296 -6.20 24.46 18.30
C TYR A 296 -6.06 24.18 19.78
N THR A 297 -7.01 24.61 20.62
CA THR A 297 -6.97 24.25 22.02
C THR A 297 -7.73 22.96 22.29
N ARG A 298 -8.75 22.67 21.48
CA ARG A 298 -9.41 21.37 21.54
C ARG A 298 -8.52 20.27 21.00
N ILE A 299 -7.71 20.58 19.98
CA ILE A 299 -6.72 19.63 19.49
C ILE A 299 -5.68 19.34 20.56
N TYR A 300 -5.34 20.36 21.35
CA TYR A 300 -4.40 20.17 22.46
C TYR A 300 -4.98 19.24 23.51
N ARG A 301 -6.27 19.41 23.84
CA ARG A 301 -6.90 18.57 24.84
C ARG A 301 -6.99 17.12 24.38
N ILE A 302 -7.33 16.90 23.12
CA ILE A 302 -7.38 15.56 22.57
C ILE A 302 -5.99 14.92 22.58
N ALA A 303 -4.97 15.68 22.17
CA ALA A 303 -3.63 15.11 22.06
C ALA A 303 -3.07 14.73 23.42
N GLN A 304 -3.59 15.33 24.50
CA GLN A 304 -3.05 15.04 25.82
C GLN A 304 -3.78 13.87 26.48
N LYS A 305 -5.04 13.64 26.10
CA LYS A 305 -5.73 12.45 26.59
C LYS A 305 -5.12 11.18 25.99
N GLN A 306 -4.75 11.23 24.71
CA GLN A 306 -4.16 10.06 24.07
C GLN A 306 -2.82 9.71 24.69
N ILE A 307 -2.00 10.73 24.98
CA ILE A 307 -0.67 10.49 25.55
C ILE A 307 -0.79 9.87 26.94
N ARG A 308 -1.81 10.27 27.70
CA ARG A 308 -1.98 9.71 29.04
C ARG A 308 -2.37 8.23 28.99
N ARG A 309 -3.16 7.84 27.99
CA ARG A 309 -3.57 6.44 27.88
C ARG A 309 -2.42 5.55 27.46
N ILE A 310 -1.59 6.03 26.51
CA ILE A 310 -0.41 5.25 26.10
C ILE A 310 0.56 5.09 27.26
N ALA A 311 0.81 6.18 27.98
CA ALA A 311 1.74 6.14 29.11
C ALA A 311 1.23 5.19 30.20
N ALA A 312 -0.09 5.11 30.37
CA ALA A 312 -0.64 4.19 31.37
C ALA A 312 -0.31 2.75 31.02
N LEU A 313 -0.46 2.36 29.75
CA LEU A 313 -0.13 1.00 29.34
C LEU A 313 1.36 0.74 29.46
N GLU A 314 2.18 1.71 29.09
CA GLU A 314 3.63 1.53 29.23
C GLU A 314 4.02 1.37 30.70
N ARG A 315 3.39 2.13 31.59
CA ARG A 315 3.67 2.00 33.02
C ARG A 315 3.20 0.66 33.56
N ALA A 316 2.06 0.16 33.06
CA ALA A 316 1.61 -1.16 33.46
C ALA A 316 2.60 -2.23 33.04
N ALA A 317 3.12 -2.13 31.81
CA ALA A 317 4.14 -3.08 31.36
C ALA A 317 5.40 -2.99 32.21
N VAL A 318 5.82 -1.77 32.55
CA VAL A 318 7.01 -1.59 33.38
C VAL A 318 6.81 -2.22 34.75
N HIS A 319 5.65 -1.98 35.37
CA HIS A 319 5.36 -2.58 36.67
C HIS A 319 5.29 -4.10 36.57
N ALA A 320 4.82 -4.62 35.43
CA ALA A 320 4.86 -6.06 35.21
C ALA A 320 6.30 -6.57 35.18
N LYS A 321 7.19 -5.82 34.55
CA LYS A 321 8.60 -6.24 34.49
C LYS A 321 9.24 -6.25 35.88
N ASN A 322 8.71 -5.48 36.82
CA ASN A 322 9.24 -5.44 38.17
C ASN A 322 9.08 -6.79 38.87
N SER A 345 5.88 9.91 26.52
CA SER A 345 6.36 10.34 27.83
C SER A 345 6.47 11.86 27.90
N PHE A 346 7.53 12.35 28.56
CA PHE A 346 7.73 13.79 28.65
C PHE A 346 8.00 14.40 27.29
N LYS A 347 8.74 13.71 26.43
CA LYS A 347 9.01 14.23 25.10
C LYS A 347 7.74 14.32 24.27
N ARG A 348 6.82 13.36 24.44
CA ARG A 348 5.57 13.40 23.69
C ARG A 348 4.72 14.61 24.09
N GLU A 349 4.66 14.93 25.39
CA GLU A 349 3.91 16.11 25.80
C GLU A 349 4.65 17.39 25.44
N THR A 350 5.97 17.33 25.26
CA THR A 350 6.71 18.49 24.77
C THR A 350 6.54 18.66 23.27
N LYS A 351 6.40 17.56 22.53
CA LYS A 351 6.25 17.65 21.08
C LYS A 351 4.96 18.35 20.69
N VAL A 352 3.88 18.08 21.42
CA VAL A 352 2.59 18.68 21.06
C VAL A 352 2.59 20.17 21.32
N LEU A 353 3.24 20.62 22.41
CA LEU A 353 3.31 22.04 22.69
C LEU A 353 4.19 22.77 21.69
N LYS A 354 5.28 22.14 21.25
CA LYS A 354 6.18 22.76 20.29
C LYS A 354 5.46 23.07 18.98
N THR A 355 4.73 22.09 18.45
CA THR A 355 4.06 22.27 17.16
C THR A 355 2.99 23.35 17.23
N LEU A 356 2.15 23.31 18.28
CA LEU A 356 1.10 24.31 18.42
C LEU A 356 1.67 25.70 18.64
N SER A 357 2.73 25.80 19.45
CA SER A 357 3.37 27.10 19.67
C SER A 357 3.95 27.65 18.38
N VAL A 358 4.61 26.80 17.58
CA VAL A 358 5.15 27.26 16.31
C VAL A 358 4.03 27.71 15.38
N ILE A 359 2.92 26.98 15.35
CA ILE A 359 1.82 27.33 14.46
C ILE A 359 1.22 28.67 14.85
N MET A 360 0.98 28.90 16.14
CA MET A 360 0.22 30.07 16.56
C MET A 360 1.08 31.30 16.81
N GLY A 361 2.25 31.15 17.45
CA GLY A 361 3.07 32.29 17.75
C GLY A 361 3.60 32.99 16.51
N VAL A 362 3.92 32.23 15.48
CA VAL A 362 4.40 32.83 14.24
C VAL A 362 3.33 33.74 13.64
N PHE A 363 2.10 33.21 13.51
CA PHE A 363 1.00 33.99 12.96
C PHE A 363 0.73 35.22 13.81
N VAL A 364 0.69 35.05 15.13
CA VAL A 364 0.34 36.16 16.02
C VAL A 364 1.42 37.24 15.98
N CYS A 365 2.69 36.85 16.12
CA CYS A 365 3.76 37.83 16.10
C CYS A 365 3.93 38.48 14.74
N CYS A 366 3.48 37.82 13.67
CA CYS A 366 3.58 38.45 12.35
C CYS A 366 2.45 39.44 12.11
N TRP A 367 1.23 39.14 12.57
CA TRP A 367 0.09 39.95 12.16
C TRP A 367 -0.53 40.80 13.25
N LEU A 368 -0.14 40.65 14.52
CA LEU A 368 -0.82 41.37 15.58
C LEU A 368 -0.36 42.83 15.71
N PRO A 369 0.94 43.12 15.67
CA PRO A 369 1.35 44.54 15.71
C PRO A 369 0.75 45.37 14.58
N PHE A 370 0.57 44.79 13.40
CA PHE A 370 -0.04 45.54 12.30
C PHE A 370 -1.50 45.84 12.59
N PHE A 371 -2.26 44.85 13.06
CA PHE A 371 -3.69 45.04 13.24
C PHE A 371 -4.04 45.81 14.49
N ILE A 372 -3.12 45.88 15.46
CA ILE A 372 -3.33 46.75 16.61
C ILE A 372 -3.24 48.21 16.19
N LEU A 373 -2.21 48.56 15.42
CA LEU A 373 -2.06 49.92 14.93
C LEU A 373 -3.02 50.26 13.81
N ASN A 374 -3.50 49.26 13.06
CA ASN A 374 -4.46 49.53 12.00
C ASN A 374 -5.76 50.09 12.55
N CYS A 375 -6.06 49.85 13.83
CA CYS A 375 -7.24 50.40 14.48
C CYS A 375 -6.95 51.64 15.31
N ILE A 376 -5.76 51.73 15.91
CA ILE A 376 -5.42 52.90 16.72
C ILE A 376 -5.20 54.12 15.85
N LEU A 377 -4.52 53.96 14.70
CA LEU A 377 -4.16 55.10 13.88
C LEU A 377 -5.34 55.93 13.40
N PRO A 378 -6.44 55.35 12.90
CA PRO A 378 -7.57 56.21 12.49
C PRO A 378 -8.11 57.07 13.61
N PHE A 379 -8.13 56.57 14.84
CA PHE A 379 -8.56 57.39 15.97
C PHE A 379 -7.51 58.45 16.31
N CYS A 380 -6.25 58.18 15.98
CA CYS A 380 -5.14 59.08 16.26
C CYS A 380 -5.00 59.37 17.75
N CYS A 389 -0.14 58.64 17.36
CA CYS A 389 0.81 59.66 16.93
C CYS A 389 2.06 59.04 16.34
N ILE A 390 2.04 57.71 16.17
CA ILE A 390 3.18 57.01 15.59
C ILE A 390 3.32 57.38 14.12
N ASP A 391 4.56 57.58 13.68
CA ASP A 391 4.82 58.00 12.31
C ASP A 391 4.60 56.83 11.36
N SER A 392 4.92 57.03 10.08
CA SER A 392 4.67 56.02 9.06
C SER A 392 5.81 55.02 8.90
N ASN A 393 7.00 55.32 9.42
CA ASN A 393 8.10 54.38 9.28
C ASN A 393 7.90 53.13 10.13
N THR A 394 7.49 53.30 11.38
CA THR A 394 7.19 52.14 12.22
C THR A 394 6.01 51.35 11.66
N PHE A 395 5.01 52.06 11.15
CA PHE A 395 3.88 51.38 10.50
C PHE A 395 4.35 50.61 9.27
N ASP A 396 5.30 51.17 8.52
CA ASP A 396 5.83 50.44 7.37
C ASP A 396 6.58 49.19 7.81
N VAL A 397 7.33 49.29 8.91
CA VAL A 397 8.04 48.11 9.43
C VAL A 397 7.05 47.02 9.81
N PHE A 398 5.96 47.40 10.47
CA PHE A 398 4.97 46.40 10.86
C PHE A 398 4.20 45.85 9.66
N VAL A 399 3.96 46.69 8.65
CA VAL A 399 3.37 46.22 7.41
C VAL A 399 4.25 45.15 6.77
N TRP A 400 5.56 45.39 6.76
CA TRP A 400 6.48 44.41 6.19
C TRP A 400 6.57 43.16 7.04
N PHE A 401 6.42 43.28 8.37
CA PHE A 401 6.34 42.10 9.22
C PHE A 401 5.11 41.25 8.89
N GLY A 402 4.00 41.91 8.57
CA GLY A 402 2.79 41.16 8.23
C GLY A 402 2.97 40.29 6.99
N TRP A 403 3.66 40.81 5.97
CA TRP A 403 3.84 40.07 4.72
C TRP A 403 4.88 38.97 4.83
N ALA A 404 5.78 39.03 5.81
CA ALA A 404 6.77 37.97 5.99
C ALA A 404 6.16 36.68 6.48
N ASN A 405 4.89 36.68 6.89
CA ASN A 405 4.22 35.44 7.26
C ASN A 405 4.03 34.52 6.07
N SER A 406 3.85 35.09 4.87
CA SER A 406 3.65 34.27 3.68
C SER A 406 4.92 33.55 3.25
N SER A 407 6.08 33.94 3.76
CA SER A 407 7.32 33.25 3.43
C SER A 407 7.49 31.96 4.22
N LEU A 408 7.01 31.93 5.47
CA LEU A 408 7.18 30.77 6.35
C LEU A 408 6.02 29.79 6.28
N ASN A 409 4.94 30.14 5.58
CA ASN A 409 3.80 29.23 5.47
C ASN A 409 4.15 27.90 4.82
N PRO A 410 4.97 27.83 3.75
CA PRO A 410 5.39 26.50 3.26
C PRO A 410 6.13 25.68 4.29
N ILE A 411 6.94 26.33 5.13
CA ILE A 411 7.67 25.61 6.16
C ILE A 411 6.72 25.10 7.24
N ILE A 412 5.68 25.86 7.54
CA ILE A 412 4.79 25.47 8.64
C ILE A 412 3.77 24.42 8.19
N TYR A 413 3.19 24.58 7.00
CA TYR A 413 2.02 23.80 6.61
C TYR A 413 2.28 22.77 5.52
N ALA A 414 3.36 22.90 4.75
CA ALA A 414 3.64 21.96 3.67
C ALA A 414 5.02 21.37 3.83
N PHE A 415 5.34 20.88 5.03
CA PHE A 415 6.69 20.42 5.34
C PHE A 415 6.62 19.08 6.08
N ASN A 416 5.65 18.24 5.72
CA ASN A 416 5.53 16.91 6.30
C ASN A 416 6.40 15.93 5.52
N ALA A 417 6.17 14.63 5.77
CA ALA A 417 7.02 13.60 5.20
C ALA A 417 6.96 13.59 3.67
N ASP A 418 5.77 13.74 3.10
CA ASP A 418 5.63 13.52 1.65
C ASP A 418 5.86 14.80 0.87
N PHE A 419 5.50 15.96 1.43
CA PHE A 419 5.88 17.23 0.79
C PHE A 419 7.39 17.40 0.77
N ARG A 420 8.06 17.05 1.86
CA ARG A 420 9.53 17.11 1.88
C ARG A 420 10.13 16.14 0.87
N LYS A 421 9.55 14.95 0.76
CA LYS A 421 10.03 13.99 -0.23
C LYS A 421 9.85 14.51 -1.64
N ALA A 422 8.72 15.15 -1.93
CA ALA A 422 8.50 15.71 -3.26
C ALA A 422 9.46 16.86 -3.52
N PHE A 423 9.76 17.67 -2.51
CA PHE A 423 10.73 18.75 -2.67
C PHE A 423 12.12 18.19 -2.96
N SER A 424 12.50 17.12 -2.27
CA SER A 424 13.79 16.48 -2.55
C SER A 424 13.82 15.90 -3.96
N THR A 425 12.72 15.31 -4.40
CA THR A 425 12.66 14.77 -5.75
C THR A 425 12.78 15.86 -6.80
N LEU A 426 12.09 16.98 -6.61
CA LEU A 426 12.17 18.07 -7.57
C LEU A 426 13.53 18.77 -7.52
N LEU A 427 14.27 18.62 -6.43
CA LEU A 427 15.56 19.29 -6.25
C LEU A 427 16.65 18.23 -6.18
N GLY A 428 17.17 17.87 -7.36
CA GLY A 428 18.28 16.94 -7.45
C GLY A 428 17.91 15.47 -7.40
N CYS A 429 16.61 15.14 -7.39
CA CYS A 429 16.14 13.75 -7.37
C CYS A 429 16.74 12.99 -6.19
N TYR A 430 16.66 13.61 -5.02
CA TYR A 430 17.24 13.04 -3.81
C TYR A 430 16.16 12.54 -2.86
N GLU B 12 16.08 -50.45 9.45
CA GLU B 12 14.78 -50.00 8.98
C GLU B 12 14.84 -48.53 8.56
N LEU B 13 14.65 -47.63 9.51
CA LEU B 13 14.76 -46.21 9.23
C LEU B 13 16.18 -45.84 8.79
N ASP B 14 17.18 -46.42 9.45
CA ASP B 14 18.57 -46.15 9.09
C ASP B 14 18.87 -46.61 7.67
N GLN B 15 18.35 -47.79 7.29
CA GLN B 15 18.58 -48.31 5.95
C GLN B 15 17.99 -47.40 4.88
N LEU B 16 16.77 -46.91 5.10
CA LEU B 16 16.15 -46.04 4.10
C LEU B 16 16.82 -44.68 4.07
N ARG B 17 17.25 -44.17 5.23
CA ARG B 17 18.01 -42.92 5.24
C ARG B 17 19.30 -43.06 4.46
N GLN B 18 20.02 -44.17 4.66
CA GLN B 18 21.26 -44.41 3.91
C GLN B 18 20.98 -44.54 2.42
N GLU B 19 19.89 -45.22 2.06
CA GLU B 19 19.53 -45.35 0.65
C GLU B 19 19.25 -43.99 0.02
N ALA B 20 18.51 -43.14 0.73
CA ALA B 20 18.24 -41.79 0.22
C ALA B 20 19.51 -40.98 0.09
N GLU B 21 20.42 -41.10 1.06
CA GLU B 21 21.70 -40.39 0.98
C GLU B 21 22.52 -40.87 -0.23
N GLN B 22 22.55 -42.18 -0.46
CA GLN B 22 23.28 -42.70 -1.62
C GLN B 22 22.66 -42.21 -2.93
N LEU B 23 21.32 -42.19 -3.00
CA LEU B 23 20.67 -41.72 -4.22
C LEU B 23 20.96 -40.24 -4.47
N LYS B 24 20.90 -39.43 -3.41
CA LYS B 24 21.21 -38.00 -3.56
C LYS B 24 22.65 -37.80 -3.99
N ASN B 25 23.58 -38.56 -3.40
CA ASN B 25 24.98 -38.45 -3.78
C ASN B 25 25.18 -38.84 -5.23
N GLN B 26 24.50 -39.89 -5.68
CA GLN B 26 24.60 -40.31 -7.08
C GLN B 26 24.08 -39.22 -8.01
N ILE B 27 22.94 -38.61 -7.66
CA ILE B 27 22.38 -37.55 -8.50
C ILE B 27 23.34 -36.36 -8.57
N ARG B 28 23.89 -35.96 -7.43
CA ARG B 28 24.82 -34.84 -7.41
C ARG B 28 26.08 -35.15 -8.19
N ASP B 29 26.59 -36.37 -8.08
CA ASP B 29 27.78 -36.76 -8.82
C ASP B 29 27.51 -36.75 -10.33
N ALA B 30 26.34 -37.24 -10.75
CA ALA B 30 26.00 -37.20 -12.16
C ALA B 30 25.90 -35.76 -12.66
N ARG B 31 25.28 -34.88 -11.87
CA ARG B 31 25.18 -33.47 -12.26
C ARG B 31 26.56 -32.84 -12.38
N LYS B 32 27.45 -33.14 -11.43
CA LYS B 32 28.81 -32.60 -11.50
C LYS B 32 29.57 -33.14 -12.70
N ALA B 33 29.38 -34.42 -13.02
CA ALA B 33 30.05 -35.01 -14.17
C ALA B 33 29.57 -34.38 -15.48
N CYS B 34 28.27 -34.13 -15.58
CA CYS B 34 27.75 -33.51 -16.80
C CYS B 34 28.14 -32.04 -16.92
N ALA B 35 28.59 -31.41 -15.84
CA ALA B 35 29.01 -30.02 -15.88
C ALA B 35 30.40 -29.92 -16.50
N ASP B 36 30.49 -29.32 -17.67
CA ASP B 36 31.75 -29.17 -18.38
C ASP B 36 32.17 -27.72 -18.53
N ALA B 37 31.30 -26.87 -19.05
CA ALA B 37 31.58 -25.45 -19.22
C ALA B 37 30.35 -24.65 -18.82
N THR B 38 30.58 -23.40 -18.44
CA THR B 38 29.51 -22.53 -17.98
C THR B 38 28.86 -21.81 -19.16
N LEU B 39 27.64 -21.33 -18.93
CA LEU B 39 26.93 -20.57 -19.96
C LEU B 39 27.67 -19.28 -20.31
N SER B 40 28.23 -18.62 -19.30
CA SER B 40 28.95 -17.37 -19.55
C SER B 40 30.18 -17.62 -20.42
N GLN B 41 30.88 -18.74 -20.20
CA GLN B 41 32.08 -19.03 -20.98
C GLN B 41 31.74 -19.22 -22.46
N ILE B 42 30.65 -19.93 -22.75
CA ILE B 42 30.24 -20.11 -24.15
C ILE B 42 29.77 -18.80 -24.75
N THR B 43 28.93 -18.06 -24.01
CA THR B 43 28.41 -16.78 -24.47
C THR B 43 29.33 -15.65 -24.00
N ASN B 44 30.49 -15.59 -24.65
CA ASN B 44 31.50 -14.59 -24.32
C ASN B 44 31.86 -13.70 -25.51
N ASN B 45 31.86 -14.24 -26.72
CA ASN B 45 32.16 -13.47 -27.91
C ASN B 45 30.92 -12.84 -28.54
N ILE B 46 29.73 -13.08 -27.98
CA ILE B 46 28.50 -12.53 -28.52
C ILE B 46 28.49 -11.02 -28.32
N ASP B 47 28.01 -10.30 -29.33
CA ASP B 47 27.88 -8.86 -29.20
C ASP B 47 26.81 -8.51 -28.18
N PRO B 48 27.12 -7.69 -27.17
CA PRO B 48 26.09 -7.30 -26.21
C PRO B 48 24.98 -6.50 -26.87
N VAL B 49 23.77 -6.61 -26.30
CA VAL B 49 22.62 -5.91 -26.85
C VAL B 49 22.82 -4.40 -26.73
N GLY B 50 23.36 -3.93 -25.61
CA GLY B 50 23.60 -2.52 -25.42
C GLY B 50 22.75 -1.93 -24.32
N ARG B 51 21.87 -1.01 -24.68
CA ARG B 51 20.94 -0.39 -23.73
C ARG B 51 19.53 -0.46 -24.30
N ILE B 52 18.55 -0.62 -23.43
CA ILE B 52 17.15 -0.78 -23.81
C ILE B 52 16.39 0.44 -23.36
N GLN B 53 15.77 1.13 -24.30
CA GLN B 53 14.91 2.29 -24.02
C GLN B 53 13.46 1.88 -24.20
N MET B 54 12.70 1.91 -23.11
CA MET B 54 11.28 1.60 -23.13
C MET B 54 10.53 2.71 -22.42
N ARG B 55 9.43 3.15 -23.02
CA ARG B 55 8.64 4.26 -22.49
C ARG B 55 7.20 3.80 -22.27
N THR B 56 6.58 4.33 -21.23
CA THR B 56 5.19 4.01 -20.94
C THR B 56 4.30 4.51 -22.07
N ARG B 57 3.74 3.60 -22.85
CA ARG B 57 2.87 3.96 -23.97
C ARG B 57 1.41 4.10 -23.57
N ARG B 58 0.97 3.38 -22.53
CA ARG B 58 -0.38 3.49 -22.02
C ARG B 58 -0.34 3.45 -20.51
N THR B 59 -1.44 3.88 -19.89
CA THR B 59 -1.61 3.76 -18.44
C THR B 59 -3.08 3.59 -18.15
N LEU B 60 -3.43 2.46 -17.55
CA LEU B 60 -4.82 2.08 -17.34
C LEU B 60 -5.20 2.31 -15.88
N ARG B 61 -6.30 3.02 -15.66
CA ARG B 61 -6.78 3.33 -14.33
C ARG B 61 -8.22 2.87 -14.19
N GLY B 62 -8.64 2.63 -12.93
CA GLY B 62 -9.97 2.12 -12.68
C GLY B 62 -10.05 1.14 -11.52
N HIS B 63 -8.93 0.52 -11.17
CA HIS B 63 -8.87 -0.34 -9.99
C HIS B 63 -8.75 0.51 -8.73
N LEU B 64 -9.45 0.10 -7.67
CA LEU B 64 -9.46 0.86 -6.43
C LEU B 64 -8.37 0.45 -5.45
N ALA B 65 -7.91 -0.80 -5.52
CA ALA B 65 -6.95 -1.31 -4.55
C ALA B 65 -5.74 -1.91 -5.25
N LYS B 66 -4.88 -2.58 -4.51
CA LYS B 66 -3.68 -3.17 -5.07
C LYS B 66 -4.02 -4.18 -6.16
N ILE B 67 -3.22 -4.18 -7.21
CA ILE B 67 -3.36 -5.13 -8.31
C ILE B 67 -2.45 -6.32 -8.03
N TYR B 68 -3.01 -7.53 -8.11
CA TYR B 68 -2.26 -8.74 -7.81
C TYR B 68 -1.88 -9.56 -9.03
N ALA B 69 -2.67 -9.53 -10.10
CA ALA B 69 -2.36 -10.34 -11.27
C ALA B 69 -2.89 -9.67 -12.53
N MET B 70 -2.28 -10.02 -13.65
CA MET B 70 -2.77 -9.67 -14.97
C MET B 70 -2.42 -10.81 -15.92
N HIS B 71 -3.10 -10.85 -17.06
CA HIS B 71 -2.81 -11.89 -18.04
C HIS B 71 -3.21 -11.41 -19.43
N TRP B 72 -2.27 -11.45 -20.37
CA TRP B 72 -2.53 -11.07 -21.76
C TRP B 72 -3.38 -12.12 -22.45
N GLY B 73 -4.16 -11.67 -23.43
CA GLY B 73 -4.84 -12.57 -24.34
C GLY B 73 -3.94 -12.98 -25.50
N THR B 74 -4.36 -14.02 -26.22
CA THR B 74 -3.55 -14.53 -27.31
C THR B 74 -3.54 -13.59 -28.51
N ASP B 75 -4.49 -12.66 -28.60
CA ASP B 75 -4.51 -11.70 -29.69
C ASP B 75 -3.63 -10.49 -29.43
N SER B 76 -3.01 -10.40 -28.25
CA SER B 76 -2.09 -9.34 -27.88
C SER B 76 -2.76 -7.97 -27.81
N ARG B 77 -4.08 -7.94 -27.67
CA ARG B 77 -4.82 -6.69 -27.55
C ARG B 77 -5.57 -6.59 -26.23
N LEU B 78 -6.30 -7.65 -25.85
CA LEU B 78 -7.06 -7.66 -24.61
C LEU B 78 -6.22 -8.22 -23.46
N LEU B 79 -6.53 -7.78 -22.25
CA LEU B 79 -5.89 -8.32 -21.06
C LEU B 79 -6.83 -8.16 -19.88
N VAL B 80 -6.73 -9.09 -18.93
CA VAL B 80 -7.51 -9.07 -17.71
C VAL B 80 -6.57 -8.78 -16.54
N SER B 81 -7.08 -8.12 -15.53
CA SER B 81 -6.31 -7.83 -14.33
C SER B 81 -7.19 -8.02 -13.09
N ALA B 82 -6.56 -8.31 -11.97
CA ALA B 82 -7.25 -8.61 -10.72
C ALA B 82 -6.80 -7.67 -9.63
N SER B 83 -7.75 -7.16 -8.86
CA SER B 83 -7.48 -6.25 -7.76
C SER B 83 -8.12 -6.80 -6.49
N GLN B 84 -7.53 -6.45 -5.35
CA GLN B 84 -8.10 -6.88 -4.07
C GLN B 84 -9.22 -5.94 -3.65
N ASP B 85 -10.10 -5.62 -4.58
CA ASP B 85 -11.35 -4.91 -4.30
C ASP B 85 -12.54 -5.67 -4.85
N GLY B 86 -12.33 -6.90 -5.33
CA GLY B 86 -13.38 -7.70 -5.88
C GLY B 86 -13.68 -7.47 -7.34
N LYS B 87 -12.75 -6.88 -8.09
CA LYS B 87 -12.97 -6.54 -9.49
C LYS B 87 -12.06 -7.35 -10.39
N LEU B 88 -12.60 -7.77 -11.53
CA LEU B 88 -11.85 -8.43 -12.60
C LEU B 88 -12.13 -7.66 -13.87
N ILE B 89 -11.24 -6.72 -14.21
CA ILE B 89 -11.47 -5.76 -15.29
C ILE B 89 -10.75 -6.23 -16.55
N ILE B 90 -11.46 -6.20 -17.68
CA ILE B 90 -10.91 -6.55 -18.98
C ILE B 90 -10.66 -5.27 -19.76
N TRP B 91 -9.45 -5.12 -20.30
CA TRP B 91 -9.03 -3.90 -20.97
C TRP B 91 -8.82 -4.14 -22.46
N ASP B 92 -8.95 -3.07 -23.23
CA ASP B 92 -8.51 -3.01 -24.62
C ASP B 92 -7.26 -2.15 -24.62
N SER B 93 -6.11 -2.79 -24.80
CA SER B 93 -4.83 -2.10 -24.60
C SER B 93 -4.57 -1.05 -25.67
N TYR B 94 -5.09 -1.24 -26.88
CA TYR B 94 -4.89 -0.26 -27.94
C TYR B 94 -5.59 1.04 -27.62
N THR B 95 -6.87 0.97 -27.29
CA THR B 95 -7.70 2.16 -27.13
C THR B 95 -7.97 2.54 -25.69
N THR B 96 -7.37 1.84 -24.73
CA THR B 96 -7.44 2.13 -23.29
C THR B 96 -8.86 1.93 -22.74
N ASN B 97 -9.80 1.49 -23.57
CA ASN B 97 -11.18 1.31 -23.12
C ASN B 97 -11.32 0.08 -22.24
N LYS B 98 -12.38 0.07 -21.43
CA LYS B 98 -12.72 -1.06 -20.58
C LYS B 98 -13.82 -1.87 -21.24
N VAL B 99 -13.57 -3.17 -21.43
CA VAL B 99 -14.55 -4.02 -22.08
C VAL B 99 -15.49 -4.67 -21.07
N HIS B 100 -14.97 -5.12 -19.93
CA HIS B 100 -15.79 -5.73 -18.90
C HIS B 100 -15.32 -5.28 -17.53
N ALA B 101 -16.19 -5.46 -16.54
CA ALA B 101 -15.84 -5.25 -15.14
C ALA B 101 -16.64 -6.25 -14.32
N ILE B 102 -15.98 -7.33 -13.91
CA ILE B 102 -16.64 -8.48 -13.31
C ILE B 102 -16.45 -8.41 -11.80
N PRO B 103 -17.53 -8.28 -11.01
CA PRO B 103 -17.38 -8.29 -9.55
C PRO B 103 -17.26 -9.71 -9.02
N LEU B 104 -16.40 -9.88 -8.00
CA LEU B 104 -16.08 -11.19 -7.46
C LEU B 104 -16.77 -11.40 -6.12
N ARG B 105 -17.08 -12.67 -5.83
CA ARG B 105 -17.72 -13.00 -4.55
C ARG B 105 -16.74 -12.84 -3.40
N SER B 106 -15.50 -13.31 -3.57
CA SER B 106 -14.45 -13.12 -2.59
C SER B 106 -13.57 -11.95 -2.99
N SER B 107 -13.14 -11.18 -2.01
CA SER B 107 -12.38 -9.96 -2.23
C SER B 107 -10.87 -10.18 -2.17
N TRP B 108 -10.42 -11.42 -2.03
CA TRP B 108 -9.01 -11.69 -1.84
C TRP B 108 -8.43 -12.51 -3.00
N VAL B 109 -8.75 -12.09 -4.22
CA VAL B 109 -8.20 -12.73 -5.41
C VAL B 109 -6.68 -12.56 -5.43
N MET B 110 -5.99 -13.62 -5.83
CA MET B 110 -4.54 -13.57 -5.96
C MET B 110 -4.02 -14.06 -7.31
N THR B 111 -4.90 -14.49 -8.22
CA THR B 111 -4.46 -14.95 -9.53
C THR B 111 -5.63 -14.85 -10.50
N CYS B 112 -5.29 -14.76 -11.79
CA CYS B 112 -6.29 -14.77 -12.85
C CYS B 112 -5.63 -15.30 -14.11
N ALA B 113 -6.47 -15.72 -15.05
CA ALA B 113 -5.98 -16.28 -16.30
C ALA B 113 -6.94 -15.94 -17.43
N TYR B 114 -6.45 -16.02 -18.65
CA TYR B 114 -7.22 -15.77 -19.85
C TYR B 114 -7.22 -17.05 -20.67
N ALA B 115 -8.40 -17.52 -21.06
CA ALA B 115 -8.46 -18.71 -21.89
C ALA B 115 -7.86 -18.42 -23.27
N PRO B 116 -7.09 -19.35 -23.83
CA PRO B 116 -6.51 -19.11 -25.16
C PRO B 116 -7.55 -18.88 -26.24
N SER B 117 -8.71 -19.54 -26.14
CA SER B 117 -9.80 -19.27 -27.07
C SER B 117 -10.38 -17.87 -26.87
N GLY B 118 -10.26 -17.33 -25.66
CA GLY B 118 -10.77 -16.01 -25.36
C GLY B 118 -12.17 -15.97 -24.81
N ASN B 119 -12.82 -17.11 -24.62
CA ASN B 119 -14.19 -17.16 -24.13
C ASN B 119 -14.29 -17.26 -22.62
N TYR B 120 -13.18 -17.46 -21.91
CA TYR B 120 -13.21 -17.66 -20.47
C TYR B 120 -12.10 -16.86 -19.79
N VAL B 121 -12.35 -16.49 -18.54
CA VAL B 121 -11.32 -16.00 -17.63
C VAL B 121 -11.47 -16.74 -16.31
N ALA B 122 -10.35 -17.04 -15.68
CA ALA B 122 -10.33 -17.72 -14.40
C ALA B 122 -9.95 -16.74 -13.29
N CYS B 123 -10.02 -17.24 -12.05
CA CYS B 123 -9.87 -16.40 -10.88
C CYS B 123 -9.72 -17.31 -9.66
N GLY B 124 -9.12 -16.77 -8.61
CA GLY B 124 -8.97 -17.53 -7.39
C GLY B 124 -8.15 -16.77 -6.37
N GLY B 125 -8.19 -17.26 -5.14
CA GLY B 125 -7.47 -16.63 -4.05
C GLY B 125 -7.62 -17.30 -2.71
N LEU B 126 -7.80 -16.50 -1.66
CA LEU B 126 -7.89 -16.99 -0.29
C LEU B 126 -9.13 -17.83 -0.02
N ASP B 127 -10.11 -17.84 -0.92
CA ASP B 127 -11.32 -18.63 -0.72
C ASP B 127 -11.15 -20.09 -1.12
N ASN B 128 -9.97 -20.48 -1.63
CA ASN B 128 -9.63 -21.84 -2.05
C ASN B 128 -10.48 -22.33 -3.21
N ILE B 129 -11.05 -21.42 -4.01
CA ILE B 129 -11.92 -21.78 -5.13
C ILE B 129 -11.38 -21.15 -6.40
N CYS B 130 -11.38 -21.92 -7.48
CA CYS B 130 -11.09 -21.41 -8.82
C CYS B 130 -12.42 -21.19 -9.54
N SER B 131 -12.70 -19.94 -9.91
CA SER B 131 -13.95 -19.56 -10.53
C SER B 131 -13.74 -19.32 -12.01
N ILE B 132 -14.58 -19.93 -12.84
CA ILE B 132 -14.52 -19.79 -14.29
C ILE B 132 -15.66 -18.89 -14.73
N TYR B 133 -15.36 -17.92 -15.58
CA TYR B 133 -16.34 -16.95 -16.06
C TYR B 133 -16.50 -17.08 -17.57
N ASN B 134 -17.75 -17.01 -18.02
CA ASN B 134 -18.07 -17.10 -19.45
C ASN B 134 -18.07 -15.68 -20.02
N LEU B 135 -17.17 -15.41 -20.94
CA LEU B 135 -17.07 -14.07 -21.52
C LEU B 135 -18.02 -13.89 -22.68
N LYS B 136 -17.90 -14.74 -23.71
CA LYS B 136 -18.72 -14.63 -24.92
C LYS B 136 -19.88 -15.62 -24.79
N THR B 137 -21.09 -15.09 -24.60
CA THR B 137 -22.29 -15.90 -24.50
C THR B 137 -23.42 -15.18 -25.24
N ARG B 138 -24.46 -15.95 -25.56
CA ARG B 138 -25.57 -15.39 -26.32
C ARG B 138 -26.33 -14.34 -25.53
N GLU B 139 -26.36 -14.44 -24.21
CA GLU B 139 -27.00 -13.40 -23.40
C GLU B 139 -26.20 -12.11 -23.41
N GLY B 140 -24.86 -12.20 -23.45
CA GLY B 140 -24.00 -11.04 -23.43
C GLY B 140 -23.38 -10.73 -22.08
N ASN B 141 -24.12 -11.00 -21.00
CA ASN B 141 -23.62 -10.76 -19.66
C ASN B 141 -22.56 -11.79 -19.29
N VAL B 142 -21.82 -11.50 -18.23
CA VAL B 142 -20.74 -12.36 -17.75
C VAL B 142 -21.18 -13.00 -16.45
N ARG B 143 -21.20 -14.34 -16.42
CA ARG B 143 -21.66 -15.10 -15.28
C ARG B 143 -20.71 -16.25 -15.00
N VAL B 144 -20.72 -16.71 -13.75
CA VAL B 144 -19.87 -17.82 -13.35
C VAL B 144 -20.35 -19.11 -14.02
N SER B 145 -19.44 -19.79 -14.71
CA SER B 145 -19.75 -21.06 -15.34
C SER B 145 -19.55 -22.23 -14.38
N ARG B 146 -18.39 -22.27 -13.72
CA ARG B 146 -18.07 -23.35 -12.79
C ARG B 146 -17.34 -22.77 -11.59
N GLU B 147 -17.27 -23.58 -10.53
CA GLU B 147 -16.46 -23.28 -9.36
C GLU B 147 -15.76 -24.56 -8.93
N LEU B 148 -14.43 -24.55 -8.96
CA LEU B 148 -13.62 -25.73 -8.70
C LEU B 148 -13.20 -25.73 -7.22
N ALA B 149 -13.71 -26.70 -6.46
CA ALA B 149 -13.39 -26.86 -5.05
C ALA B 149 -12.65 -28.16 -4.84
N GLY B 150 -11.85 -28.22 -3.78
CA GLY B 150 -11.07 -29.40 -3.48
C GLY B 150 -9.71 -29.10 -2.91
N HIS B 151 -9.16 -27.93 -3.20
CA HIS B 151 -7.93 -27.50 -2.55
C HIS B 151 -8.20 -27.12 -1.10
N THR B 152 -7.22 -27.40 -0.23
CA THR B 152 -7.29 -27.03 1.17
C THR B 152 -6.34 -25.89 1.51
N GLY B 153 -5.95 -25.10 0.50
CA GLY B 153 -5.12 -23.94 0.71
C GLY B 153 -5.46 -22.90 -0.33
N TYR B 154 -4.85 -21.73 -0.19
CA TYR B 154 -5.18 -20.62 -1.08
C TYR B 154 -4.68 -20.88 -2.49
N LEU B 155 -5.50 -20.52 -3.47
CA LEU B 155 -5.08 -20.54 -4.87
C LEU B 155 -4.05 -19.46 -5.13
N SER B 156 -2.90 -19.86 -5.67
CA SER B 156 -1.83 -18.93 -5.98
C SER B 156 -1.57 -18.76 -7.46
N CYS B 157 -1.93 -19.74 -8.29
CA CYS B 157 -1.77 -19.62 -9.73
C CYS B 157 -2.76 -20.55 -10.42
N CYS B 158 -3.07 -20.22 -11.67
CA CYS B 158 -3.95 -21.04 -12.50
C CYS B 158 -3.67 -20.71 -13.96
N ARG B 159 -3.61 -21.75 -14.79
CA ARG B 159 -3.28 -21.59 -16.20
C ARG B 159 -4.17 -22.51 -17.03
N PHE B 160 -4.90 -21.92 -17.97
CA PHE B 160 -5.72 -22.70 -18.88
C PHE B 160 -4.87 -23.52 -19.84
N LEU B 161 -5.30 -24.75 -20.12
CA LEU B 161 -4.75 -25.54 -21.22
C LEU B 161 -5.62 -25.44 -22.47
N ASP B 162 -6.92 -25.59 -22.30
CA ASP B 162 -7.90 -25.39 -23.37
C ASP B 162 -9.18 -24.89 -22.73
N ASP B 163 -10.29 -24.99 -23.45
CA ASP B 163 -11.56 -24.55 -22.91
C ASP B 163 -12.12 -25.51 -21.86
N ASN B 164 -11.49 -26.66 -21.65
CA ASN B 164 -12.02 -27.67 -20.74
C ASN B 164 -11.04 -28.15 -19.68
N GLN B 165 -9.77 -27.74 -19.73
CA GLN B 165 -8.78 -28.17 -18.76
C GLN B 165 -8.03 -26.98 -18.21
N ILE B 166 -7.67 -27.05 -16.94
CA ILE B 166 -6.98 -25.97 -16.24
C ILE B 166 -6.15 -26.57 -15.13
N VAL B 167 -4.94 -26.04 -14.93
CA VAL B 167 -4.04 -26.47 -13.88
C VAL B 167 -3.98 -25.38 -12.82
N THR B 168 -4.20 -25.75 -11.57
CA THR B 168 -4.19 -24.82 -10.45
C THR B 168 -3.14 -25.22 -9.44
N SER B 169 -2.51 -24.24 -8.81
CA SER B 169 -1.55 -24.46 -7.74
C SER B 169 -2.08 -23.84 -6.46
N SER B 170 -1.75 -24.47 -5.33
CA SER B 170 -2.34 -24.10 -4.06
C SER B 170 -1.31 -24.08 -2.96
N GLY B 171 -1.62 -23.36 -1.89
CA GLY B 171 -0.78 -23.28 -0.71
C GLY B 171 -0.80 -24.52 0.16
N ASP B 172 -1.58 -25.54 -0.20
CA ASP B 172 -1.57 -26.81 0.52
C ASP B 172 -0.54 -27.80 -0.05
N THR B 173 0.52 -27.28 -0.68
CA THR B 173 1.64 -28.08 -1.19
C THR B 173 1.18 -29.06 -2.27
N THR B 174 0.25 -28.63 -3.12
CA THR B 174 -0.32 -29.53 -4.11
C THR B 174 -0.78 -28.75 -5.33
N CYS B 175 -0.48 -29.26 -6.52
CA CYS B 175 -1.04 -28.79 -7.77
C CYS B 175 -2.03 -29.83 -8.29
N ALA B 176 -3.02 -29.37 -9.05
CA ALA B 176 -4.08 -30.24 -9.52
C ALA B 176 -4.46 -29.88 -10.94
N LEU B 177 -4.93 -30.88 -11.69
CA LEU B 177 -5.45 -30.70 -13.03
C LEU B 177 -6.94 -31.00 -13.01
N TRP B 178 -7.74 -30.11 -13.60
CA TRP B 178 -9.19 -30.15 -13.48
C TRP B 178 -9.84 -30.38 -14.83
N ASP B 179 -11.11 -30.78 -14.78
CA ASP B 179 -11.98 -30.88 -15.95
C ASP B 179 -13.16 -29.95 -15.71
N ILE B 180 -13.21 -28.85 -16.46
CA ILE B 180 -14.20 -27.81 -16.20
C ILE B 180 -15.61 -28.33 -16.46
N GLU B 181 -15.77 -29.20 -17.47
CA GLU B 181 -17.09 -29.68 -17.83
C GLU B 181 -17.73 -30.48 -16.68
N THR B 182 -16.94 -31.30 -16.01
CA THR B 182 -17.45 -32.09 -14.89
C THR B 182 -17.14 -31.49 -13.53
N GLY B 183 -16.21 -30.55 -13.45
CA GLY B 183 -15.88 -29.93 -12.18
C GLY B 183 -15.14 -30.82 -11.22
N GLN B 184 -14.46 -31.85 -11.71
CA GLN B 184 -13.75 -32.81 -10.87
C GLN B 184 -12.27 -32.83 -11.22
N GLN B 185 -11.45 -33.10 -10.21
CA GLN B 185 -10.02 -33.25 -10.44
C GLN B 185 -9.73 -34.49 -11.27
N THR B 186 -8.72 -34.40 -12.13
CA THR B 186 -8.27 -35.52 -12.93
C THR B 186 -6.95 -36.10 -12.43
N THR B 187 -5.99 -35.25 -12.10
CA THR B 187 -4.68 -35.68 -11.63
C THR B 187 -4.24 -34.75 -10.53
N THR B 188 -3.63 -35.30 -9.49
CA THR B 188 -3.09 -34.54 -8.37
C THR B 188 -1.59 -34.70 -8.34
N PHE B 189 -0.87 -33.58 -8.27
CA PHE B 189 0.58 -33.55 -8.31
C PHE B 189 1.10 -33.25 -6.91
N THR B 190 1.69 -34.26 -6.28
CA THR B 190 2.21 -34.14 -4.91
C THR B 190 3.72 -34.33 -4.92
N GLY B 191 4.35 -33.84 -3.86
CA GLY B 191 5.80 -33.93 -3.75
C GLY B 191 6.44 -32.70 -3.14
N HIS B 192 5.83 -31.53 -3.35
CA HIS B 192 6.31 -30.33 -2.67
C HIS B 192 6.03 -30.40 -1.17
N THR B 193 6.93 -29.81 -0.39
CA THR B 193 6.76 -29.73 1.06
C THR B 193 6.27 -28.37 1.52
N GLY B 194 6.54 -27.30 0.77
CA GLY B 194 6.06 -25.98 1.07
C GLY B 194 4.96 -25.54 0.11
N ASP B 195 4.43 -24.35 0.38
CA ASP B 195 3.37 -23.80 -0.44
C ASP B 195 3.85 -23.60 -1.87
N VAL B 196 3.01 -23.96 -2.83
CA VAL B 196 3.33 -23.78 -4.24
C VAL B 196 2.87 -22.39 -4.66
N MET B 197 3.78 -21.61 -5.23
CA MET B 197 3.53 -20.20 -5.49
C MET B 197 3.27 -19.85 -6.95
N SER B 198 3.79 -20.62 -7.90
CA SER B 198 3.74 -20.21 -9.30
C SER B 198 3.67 -21.43 -10.20
N LEU B 199 3.21 -21.19 -11.43
CA LEU B 199 3.08 -22.20 -12.46
C LEU B 199 3.55 -21.62 -13.79
N SER B 200 3.93 -22.51 -14.71
CA SER B 200 4.27 -22.11 -16.07
C SER B 200 4.10 -23.30 -16.98
N LEU B 201 3.23 -23.17 -17.97
CA LEU B 201 2.93 -24.23 -18.91
C LEU B 201 3.93 -24.21 -20.06
N ALA B 202 4.31 -25.41 -20.51
CA ALA B 202 5.18 -25.54 -21.66
C ALA B 202 4.45 -25.08 -22.92
N PRO B 203 5.20 -24.68 -23.96
CA PRO B 203 4.53 -24.23 -25.19
C PRO B 203 3.59 -25.26 -25.81
N ASP B 204 3.91 -26.54 -25.71
CA ASP B 204 3.03 -27.59 -26.23
C ASP B 204 2.00 -28.06 -25.21
N THR B 205 1.97 -27.46 -24.02
CA THR B 205 1.07 -27.86 -22.94
C THR B 205 1.21 -29.35 -22.62
N ARG B 206 2.43 -29.84 -22.70
CA ARG B 206 2.73 -31.23 -22.38
C ARG B 206 3.40 -31.38 -21.02
N LEU B 207 4.10 -30.35 -20.56
CA LEU B 207 4.71 -30.31 -19.24
C LEU B 207 4.40 -28.97 -18.60
N PHE B 208 4.74 -28.84 -17.32
CA PHE B 208 4.67 -27.56 -16.64
C PHE B 208 5.57 -27.59 -15.42
N VAL B 209 6.12 -26.43 -15.07
CA VAL B 209 6.99 -26.30 -13.91
C VAL B 209 6.25 -25.50 -12.84
N SER B 210 6.59 -25.78 -11.59
CA SER B 210 6.03 -25.07 -10.45
C SER B 210 7.14 -24.75 -9.46
N GLY B 211 7.02 -23.60 -8.81
CA GLY B 211 7.94 -23.20 -7.76
C GLY B 211 7.21 -23.20 -6.43
N ALA B 212 7.94 -23.50 -5.36
CA ALA B 212 7.33 -23.66 -4.05
C ALA B 212 8.13 -22.89 -3.02
N CYS B 213 7.61 -22.89 -1.78
CA CYS B 213 8.23 -22.19 -0.67
C CYS B 213 9.36 -22.97 -0.03
N ASP B 214 9.58 -24.23 -0.43
CA ASP B 214 10.72 -25.01 0.01
C ASP B 214 11.95 -24.78 -0.86
N ALA B 215 11.95 -23.71 -1.66
CA ALA B 215 13.08 -23.33 -2.50
C ALA B 215 13.42 -24.41 -3.54
N SER B 216 12.42 -25.14 -4.00
CA SER B 216 12.62 -26.18 -5.01
C SER B 216 11.60 -26.02 -6.13
N ALA B 217 12.03 -26.33 -7.35
CA ALA B 217 11.16 -26.37 -8.51
C ALA B 217 11.05 -27.80 -9.01
N LYS B 218 9.92 -28.12 -9.66
CA LYS B 218 9.68 -29.47 -10.14
C LYS B 218 9.09 -29.41 -11.54
N LEU B 219 9.41 -30.41 -12.34
CA LEU B 219 8.88 -30.56 -13.68
C LEU B 219 7.86 -31.70 -13.68
N TRP B 220 6.65 -31.40 -14.12
CA TRP B 220 5.52 -32.32 -14.02
C TRP B 220 5.07 -32.78 -15.40
N ASP B 221 4.63 -34.03 -15.47
CA ASP B 221 4.07 -34.59 -16.68
C ASP B 221 2.54 -34.54 -16.58
N VAL B 222 1.91 -33.78 -17.47
CA VAL B 222 0.48 -33.55 -17.37
C VAL B 222 -0.30 -34.85 -17.60
N ARG B 223 0.03 -35.58 -18.67
CA ARG B 223 -0.68 -36.80 -19.01
C ARG B 223 -0.27 -37.98 -18.14
N GLU B 224 0.90 -37.94 -17.52
CA GLU B 224 1.36 -39.05 -16.69
C GLU B 224 1.06 -38.83 -15.21
N GLY B 225 1.27 -37.62 -14.70
CA GLY B 225 0.97 -37.29 -13.32
C GLY B 225 2.13 -37.40 -12.36
N MET B 226 3.32 -37.74 -12.83
CA MET B 226 4.46 -37.96 -11.96
C MET B 226 5.51 -36.86 -12.13
N CYS B 227 6.27 -36.62 -11.06
CA CYS B 227 7.38 -35.68 -11.10
C CYS B 227 8.56 -36.32 -11.82
N ARG B 228 9.14 -35.57 -12.77
CA ARG B 228 10.26 -36.08 -13.56
C ARG B 228 11.60 -35.56 -13.07
N GLN B 229 11.73 -34.25 -12.88
CA GLN B 229 12.98 -33.66 -12.47
C GLN B 229 12.74 -32.65 -11.36
N THR B 230 13.72 -32.51 -10.47
CA THR B 230 13.64 -31.58 -9.35
C THR B 230 14.88 -30.71 -9.35
N PHE B 231 14.69 -29.40 -9.27
CA PHE B 231 15.77 -28.43 -9.38
C PHE B 231 15.88 -27.62 -8.10
N THR B 232 17.11 -27.41 -7.64
CA THR B 232 17.41 -26.65 -6.43
C THR B 232 18.41 -25.55 -6.76
N GLY B 233 18.77 -24.79 -5.72
CA GLY B 233 19.74 -23.72 -5.88
C GLY B 233 19.37 -22.43 -5.17
N HIS B 234 18.07 -22.14 -5.08
CA HIS B 234 17.62 -20.98 -4.33
C HIS B 234 17.70 -21.24 -2.83
N GLU B 235 17.84 -20.16 -2.06
CA GLU B 235 17.91 -20.24 -0.62
C GLU B 235 16.61 -19.83 0.08
N SER B 236 15.72 -19.14 -0.62
CA SER B 236 14.46 -18.70 -0.03
C SER B 236 13.28 -19.13 -0.89
N ASP B 237 12.09 -18.62 -0.57
CA ASP B 237 10.89 -19.01 -1.30
C ASP B 237 10.98 -18.57 -2.76
N ILE B 238 10.43 -19.40 -3.65
CA ILE B 238 10.38 -19.10 -5.08
C ILE B 238 9.03 -18.47 -5.37
N ASN B 239 9.04 -17.23 -5.87
CA ASN B 239 7.82 -16.48 -6.10
C ASN B 239 7.34 -16.50 -7.53
N ALA B 240 8.27 -16.61 -8.49
CA ALA B 240 7.92 -16.53 -9.91
C ALA B 240 8.65 -17.61 -10.69
N ILE B 241 8.06 -18.02 -11.81
CA ILE B 241 8.65 -19.03 -12.67
C ILE B 241 8.11 -18.82 -14.08
N CYS B 242 8.95 -19.12 -15.08
CA CYS B 242 8.62 -18.84 -16.48
C CYS B 242 9.41 -19.79 -17.37
N PHE B 243 8.79 -20.23 -18.45
CA PHE B 243 9.49 -21.05 -19.44
C PHE B 243 10.21 -20.18 -20.47
N PHE B 244 11.36 -20.68 -20.92
CA PHE B 244 12.04 -20.12 -22.07
C PHE B 244 11.21 -20.37 -23.33
N PRO B 245 11.25 -19.46 -24.31
CA PRO B 245 10.45 -19.67 -25.52
C PRO B 245 10.77 -20.96 -26.26
N ASN B 246 11.98 -21.48 -26.12
CA ASN B 246 12.31 -22.76 -26.74
C ASN B 246 11.46 -23.88 -26.17
N GLY B 247 11.23 -23.88 -24.86
CA GLY B 247 10.55 -24.96 -24.18
C GLY B 247 11.47 -25.95 -23.51
N ASN B 248 12.78 -25.70 -23.51
CA ASN B 248 13.75 -26.60 -22.90
C ASN B 248 14.45 -25.98 -21.70
N ALA B 249 14.02 -24.80 -21.26
CA ALA B 249 14.63 -24.14 -20.11
C ALA B 249 13.57 -23.30 -19.43
N PHE B 250 13.86 -22.91 -18.18
CA PHE B 250 12.94 -22.07 -17.43
C PHE B 250 13.73 -21.19 -16.47
N ALA B 251 13.09 -20.12 -16.02
CA ALA B 251 13.69 -19.16 -15.11
C ALA B 251 12.82 -19.02 -13.86
N THR B 252 13.46 -18.69 -12.75
CA THR B 252 12.79 -18.56 -11.46
C THR B 252 13.16 -17.24 -10.80
N GLY B 253 12.23 -16.74 -9.98
CA GLY B 253 12.50 -15.60 -9.13
C GLY B 253 12.19 -15.94 -7.69
N SER B 254 12.99 -15.40 -6.77
CA SER B 254 12.90 -15.79 -5.37
C SER B 254 13.00 -14.57 -4.48
N ASP B 255 12.81 -14.80 -3.17
CA ASP B 255 12.90 -13.74 -2.17
C ASP B 255 14.33 -13.35 -1.83
N ASP B 256 15.32 -14.15 -2.22
CA ASP B 256 16.72 -13.85 -1.94
C ASP B 256 17.34 -12.92 -2.96
N ALA B 257 16.52 -12.17 -3.71
CA ALA B 257 16.98 -11.17 -4.67
C ALA B 257 17.92 -11.77 -5.71
N THR B 258 17.47 -12.86 -6.34
CA THR B 258 18.23 -13.46 -7.43
C THR B 258 17.28 -14.16 -8.39
N CYS B 259 17.75 -14.33 -9.62
CA CYS B 259 17.06 -15.09 -10.65
C CYS B 259 18.02 -16.11 -11.22
N ARG B 260 17.50 -17.28 -11.58
CA ARG B 260 18.32 -18.36 -12.08
C ARG B 260 17.70 -18.96 -13.34
N LEU B 261 18.55 -19.52 -14.19
CA LEU B 261 18.12 -20.21 -15.40
C LEU B 261 18.50 -21.68 -15.28
N PHE B 262 17.53 -22.56 -15.49
CA PHE B 262 17.76 -24.00 -15.43
C PHE B 262 17.49 -24.61 -16.80
N ASP B 263 18.24 -25.66 -17.11
CA ASP B 263 18.10 -26.40 -18.36
C ASP B 263 17.52 -27.76 -18.07
N LEU B 264 16.43 -28.11 -18.77
CA LEU B 264 15.76 -29.38 -18.52
C LEU B 264 16.66 -30.55 -18.92
N ARG B 265 17.30 -30.46 -20.09
CA ARG B 265 18.12 -31.57 -20.57
C ARG B 265 19.42 -31.68 -19.78
N ALA B 266 20.09 -30.56 -19.53
CA ALA B 266 21.30 -30.58 -18.71
C ALA B 266 20.98 -30.86 -17.26
N ASP B 267 19.75 -30.55 -16.83
CA ASP B 267 19.26 -30.88 -15.48
C ASP B 267 20.06 -30.15 -14.40
N GLN B 268 20.43 -28.90 -14.68
CA GLN B 268 21.14 -28.10 -13.68
C GLN B 268 21.06 -26.63 -14.06
N GLU B 269 21.38 -25.78 -13.08
CA GLU B 269 21.34 -24.34 -13.28
C GLU B 269 22.46 -23.89 -14.22
N LEU B 270 22.16 -22.88 -15.03
CA LEU B 270 23.12 -22.35 -16.00
C LEU B 270 23.62 -20.95 -15.66
N MET B 271 22.73 -20.03 -15.31
CA MET B 271 23.11 -18.64 -15.08
C MET B 271 22.41 -18.13 -13.84
N THR B 272 23.01 -17.12 -13.21
CA THR B 272 22.44 -16.44 -12.05
C THR B 272 22.40 -14.94 -12.34
N TYR B 273 21.24 -14.34 -12.13
CA TYR B 273 21.02 -12.92 -12.44
C TYR B 273 20.86 -12.17 -11.13
N SER B 274 21.93 -11.53 -10.67
CA SER B 274 21.91 -10.83 -9.40
C SER B 274 22.81 -9.60 -9.50
N HIS B 275 22.70 -8.73 -8.49
CA HIS B 275 23.49 -7.52 -8.42
C HIS B 275 23.75 -7.19 -6.95
N ASP B 276 24.77 -6.36 -6.73
CA ASP B 276 25.16 -6.01 -5.37
C ASP B 276 24.17 -5.03 -4.72
N ASN B 277 23.58 -4.14 -5.50
CA ASN B 277 22.64 -3.15 -4.99
C ASN B 277 21.19 -3.61 -5.06
N ILE B 278 20.95 -4.91 -5.02
CA ILE B 278 19.61 -5.48 -5.07
C ILE B 278 19.45 -6.40 -3.86
N ILE B 279 18.49 -6.09 -2.99
CA ILE B 279 18.28 -6.86 -1.77
C ILE B 279 16.81 -7.21 -1.62
N CYS B 280 15.97 -6.66 -2.48
CA CYS B 280 14.54 -6.94 -2.47
C CYS B 280 14.23 -8.18 -3.31
N GLY B 281 13.18 -8.89 -2.93
CA GLY B 281 12.81 -10.10 -3.65
C GLY B 281 12.15 -9.84 -4.98
N ILE B 282 12.14 -10.87 -5.81
CA ILE B 282 11.50 -10.82 -7.13
C ILE B 282 10.06 -11.28 -7.00
N THR B 283 9.14 -10.48 -7.52
CA THR B 283 7.72 -10.80 -7.47
C THR B 283 7.22 -11.48 -8.74
N SER B 284 7.73 -11.06 -9.90
CA SER B 284 7.32 -11.60 -11.18
C SER B 284 8.52 -11.72 -12.10
N VAL B 285 8.41 -12.58 -13.11
CA VAL B 285 9.48 -12.76 -14.08
C VAL B 285 8.85 -13.15 -15.41
N SER B 286 9.51 -12.78 -16.50
CA SER B 286 9.00 -13.08 -17.83
C SER B 286 10.18 -13.08 -18.81
N PHE B 287 9.88 -13.39 -20.07
CA PHE B 287 10.89 -13.40 -21.11
C PHE B 287 10.45 -12.52 -22.27
N SER B 288 11.17 -12.58 -23.39
CA SER B 288 10.79 -11.89 -24.62
C SER B 288 10.52 -12.92 -25.70
N LYS B 289 10.13 -12.45 -26.88
CA LYS B 289 9.77 -13.36 -27.96
C LYS B 289 10.98 -14.18 -28.39
N SER B 290 12.15 -13.56 -28.46
CA SER B 290 13.37 -14.28 -28.82
C SER B 290 14.02 -14.98 -27.64
N GLY B 291 13.66 -14.62 -26.41
CA GLY B 291 14.31 -15.16 -25.24
C GLY B 291 15.58 -14.46 -24.85
N ARG B 292 15.95 -13.37 -25.54
CA ARG B 292 17.19 -12.68 -25.22
C ARG B 292 17.07 -11.88 -23.93
N LEU B 293 15.92 -11.29 -23.68
CA LEU B 293 15.72 -10.43 -22.52
C LEU B 293 14.93 -11.16 -21.44
N LEU B 294 15.28 -10.88 -20.19
CA LEU B 294 14.62 -11.48 -19.02
C LEU B 294 14.09 -10.35 -18.16
N LEU B 295 12.81 -10.02 -18.31
CA LEU B 295 12.18 -8.98 -17.51
C LEU B 295 11.73 -9.55 -16.17
N ALA B 296 11.98 -8.79 -15.10
CA ALA B 296 11.67 -9.25 -13.76
C ALA B 296 11.20 -8.09 -12.90
N GLY B 297 10.15 -8.32 -12.13
CA GLY B 297 9.65 -7.32 -11.20
C GLY B 297 10.25 -7.50 -9.81
N TYR B 298 10.34 -6.38 -9.08
CA TYR B 298 11.02 -6.36 -7.80
C TYR B 298 10.18 -5.65 -6.75
N ASP B 299 10.49 -5.90 -5.49
CA ASP B 299 9.83 -5.25 -4.37
C ASP B 299 10.17 -3.77 -4.25
N ASP B 300 11.24 -3.31 -4.90
CA ASP B 300 11.68 -1.93 -4.80
C ASP B 300 11.07 -1.04 -5.88
N PHE B 301 9.89 -1.40 -6.37
CA PHE B 301 8.95 -0.58 -7.15
C PHE B 301 9.26 -0.51 -8.64
N ASN B 302 10.33 -1.14 -9.13
CA ASN B 302 10.66 -1.03 -10.55
C ASN B 302 10.93 -2.41 -11.15
N CYS B 303 11.12 -2.43 -12.46
CA CYS B 303 11.35 -3.64 -13.23
C CYS B 303 12.75 -3.55 -13.86
N ASN B 304 13.50 -4.64 -13.78
CA ASN B 304 14.86 -4.69 -14.31
C ASN B 304 14.90 -5.61 -15.52
N VAL B 305 15.39 -5.08 -16.63
CA VAL B 305 15.55 -5.86 -17.85
C VAL B 305 16.95 -6.44 -17.85
N TRP B 306 17.04 -7.76 -18.03
CA TRP B 306 18.30 -8.48 -18.00
C TRP B 306 18.68 -8.96 -19.40
N ASP B 307 19.86 -9.53 -19.49
CA ASP B 307 20.34 -10.18 -20.71
C ASP B 307 20.46 -11.67 -20.39
N ALA B 308 19.61 -12.47 -21.03
CA ALA B 308 19.49 -13.88 -20.66
C ALA B 308 20.74 -14.68 -20.95
N LEU B 309 21.67 -14.16 -21.75
CA LEU B 309 22.88 -14.90 -22.12
C LEU B 309 24.14 -14.37 -21.46
N LYS B 310 24.10 -13.17 -20.87
CA LYS B 310 25.29 -12.56 -20.30
C LYS B 310 25.10 -12.01 -18.89
N ALA B 311 23.87 -12.00 -18.36
CA ALA B 311 23.58 -11.51 -17.01
C ALA B 311 23.96 -10.03 -16.85
N ASP B 312 23.86 -9.26 -17.92
CA ASP B 312 24.10 -7.82 -17.88
C ASP B 312 22.78 -7.07 -17.92
N ARG B 313 22.59 -6.14 -16.99
CA ARG B 313 21.34 -5.41 -16.91
C ARG B 313 21.20 -4.45 -18.09
N ALA B 314 20.31 -4.77 -19.02
CA ALA B 314 20.14 -3.96 -20.22
C ALA B 314 19.36 -2.68 -19.95
N GLY B 315 18.47 -2.68 -18.97
CA GLY B 315 17.70 -1.48 -18.69
C GLY B 315 16.94 -1.60 -17.39
N VAL B 316 16.17 -0.56 -17.09
CA VAL B 316 15.31 -0.53 -15.91
C VAL B 316 13.99 0.13 -16.31
N LEU B 317 12.88 -0.44 -15.87
CA LEU B 317 11.55 0.13 -16.08
C LEU B 317 11.10 0.75 -14.76
N ALA B 318 10.92 2.06 -14.75
CA ALA B 318 10.52 2.79 -13.54
C ALA B 318 9.31 3.65 -13.83
N GLY B 319 8.50 3.89 -12.80
CA GLY B 319 7.29 4.64 -12.95
C GLY B 319 6.14 4.18 -12.07
N HIS B 320 6.35 3.09 -11.35
CA HIS B 320 5.33 2.57 -10.44
C HIS B 320 5.57 3.13 -9.04
N ASP B 321 4.50 3.63 -8.41
CA ASP B 321 4.63 4.24 -7.09
C ASP B 321 4.89 3.20 -6.02
N ASN B 322 4.29 2.02 -6.15
CA ASN B 322 4.34 0.97 -5.14
C ASN B 322 4.97 -0.29 -5.74
N ARG B 323 4.89 -1.38 -4.97
CA ARG B 323 5.50 -2.65 -5.35
C ARG B 323 4.94 -3.16 -6.68
N VAL B 324 5.82 -3.67 -7.53
CA VAL B 324 5.42 -4.29 -8.79
C VAL B 324 5.07 -5.75 -8.53
N SER B 325 3.82 -6.12 -8.78
CA SER B 325 3.32 -7.44 -8.42
C SER B 325 3.20 -8.39 -9.61
N CYS B 326 2.86 -7.88 -10.79
CA CYS B 326 2.63 -8.72 -11.95
C CYS B 326 3.34 -8.12 -13.16
N LEU B 327 3.50 -8.95 -14.19
CA LEU B 327 4.35 -8.61 -15.34
C LEU B 327 4.04 -9.58 -16.47
N GLY B 328 3.74 -9.06 -17.65
CA GLY B 328 3.42 -9.91 -18.78
C GLY B 328 4.00 -9.36 -20.07
N VAL B 329 4.18 -10.26 -21.03
CA VAL B 329 4.75 -9.94 -22.33
C VAL B 329 3.84 -10.55 -23.40
N THR B 330 3.51 -9.76 -24.42
CA THR B 330 2.53 -10.19 -25.42
C THR B 330 3.05 -11.39 -26.19
N ASP B 331 2.12 -12.05 -26.89
CA ASP B 331 2.47 -13.23 -27.67
C ASP B 331 3.24 -12.86 -28.93
N ASP B 332 3.05 -11.65 -29.44
CA ASP B 332 3.78 -11.17 -30.61
C ASP B 332 5.05 -10.39 -30.24
N GLY B 333 5.31 -10.18 -28.96
CA GLY B 333 6.47 -9.45 -28.52
C GLY B 333 6.35 -7.95 -28.59
N MET B 334 5.18 -7.42 -28.93
CA MET B 334 5.04 -5.97 -29.15
C MET B 334 5.26 -5.18 -27.87
N ALA B 335 4.57 -5.54 -26.79
CA ALA B 335 4.51 -4.68 -25.61
C ALA B 335 4.75 -5.49 -24.34
N VAL B 336 4.99 -4.76 -23.26
CA VAL B 336 5.16 -5.31 -21.92
C VAL B 336 4.20 -4.57 -20.99
N ALA B 337 3.42 -5.30 -20.23
CA ALA B 337 2.52 -4.71 -19.24
C ALA B 337 2.98 -5.08 -17.83
N THR B 338 2.88 -4.12 -16.92
CA THR B 338 3.18 -4.34 -15.51
C THR B 338 2.07 -3.76 -14.66
N GLY B 339 1.68 -4.50 -13.63
CA GLY B 339 0.79 -4.00 -12.60
C GLY B 339 1.56 -3.76 -11.31
N SER B 340 0.90 -3.08 -10.39
CA SER B 340 1.59 -2.69 -9.16
C SER B 340 0.56 -2.51 -8.05
N TRP B 341 1.10 -2.36 -6.84
CA TRP B 341 0.27 -2.14 -5.65
C TRP B 341 -0.30 -0.73 -5.57
N ASP B 342 0.09 0.15 -6.49
CA ASP B 342 -0.50 1.47 -6.58
C ASP B 342 -1.73 1.50 -7.49
N SER B 343 -2.16 0.34 -7.98
CA SER B 343 -3.42 0.17 -8.71
C SER B 343 -3.37 0.76 -10.11
N PHE B 344 -2.23 0.64 -10.78
CA PHE B 344 -2.08 1.13 -12.14
C PHE B 344 -1.44 0.07 -13.03
N LEU B 345 -1.95 -0.06 -14.24
CA LEU B 345 -1.37 -0.91 -15.28
C LEU B 345 -0.67 -0.02 -16.29
N LYS B 346 0.61 -0.27 -16.52
CA LYS B 346 1.43 0.51 -17.43
C LYS B 346 1.96 -0.38 -18.53
N ILE B 347 1.76 0.04 -19.78
CA ILE B 347 2.18 -0.73 -20.94
C ILE B 347 3.45 -0.08 -21.50
N TRP B 348 4.46 -0.90 -21.76
CA TRP B 348 5.78 -0.44 -22.14
C TRP B 348 6.10 -0.92 -23.55
N ASN B 349 6.95 -0.17 -24.24
CA ASN B 349 7.36 -0.54 -25.58
C ASN B 349 8.67 0.18 -25.90
N GLY B 350 9.45 -0.43 -26.78
CA GLY B 350 10.73 0.14 -27.16
C GLY B 350 11.68 -0.86 -27.79
N THR C 6 3.51 -45.90 11.65
CA THR C 6 3.30 -46.76 10.49
C THR C 6 3.39 -45.97 9.20
N ALA C 7 3.26 -44.64 9.31
CA ALA C 7 3.31 -43.77 8.14
C ALA C 7 4.71 -43.26 7.83
N SER C 8 5.60 -43.22 8.81
CA SER C 8 6.97 -42.77 8.55
C SER C 8 7.68 -43.70 7.58
N ILE C 9 7.50 -45.01 7.76
CA ILE C 9 8.13 -45.98 6.86
C ILE C 9 7.57 -45.85 5.45
N ALA C 10 6.26 -45.60 5.34
CA ALA C 10 5.64 -45.42 4.03
C ALA C 10 6.16 -44.17 3.35
N GLN C 11 6.27 -43.06 4.09
CA GLN C 11 6.78 -41.83 3.49
C GLN C 11 8.24 -41.99 3.07
N ALA C 12 9.05 -42.67 3.89
CA ALA C 12 10.44 -42.90 3.52
C ALA C 12 10.55 -43.76 2.27
N ARG C 13 9.74 -44.82 2.17
CA ARG C 13 9.81 -45.67 0.98
C ARG C 13 9.29 -44.94 -0.25
N LYS C 14 8.29 -44.07 -0.09
CA LYS C 14 7.82 -43.27 -1.22
C LYS C 14 8.89 -42.29 -1.69
N LEU C 15 9.59 -41.65 -0.74
CA LEU C 15 10.67 -40.74 -1.10
C LEU C 15 11.79 -41.48 -1.82
N VAL C 16 12.14 -42.68 -1.34
CA VAL C 16 13.17 -43.48 -2.00
C VAL C 16 12.72 -43.87 -3.41
N GLU C 17 11.45 -44.25 -3.56
CA GLU C 17 10.92 -44.62 -4.87
C GLU C 17 10.99 -43.43 -5.83
N GLN C 18 10.62 -42.25 -5.36
CA GLN C 18 10.70 -41.05 -6.22
C GLN C 18 12.14 -40.73 -6.59
N LEU C 19 13.06 -40.83 -5.62
CA LEU C 19 14.46 -40.53 -5.92
C LEU C 19 15.08 -41.55 -6.87
N LYS C 20 14.61 -42.80 -6.83
CA LYS C 20 15.11 -43.79 -7.78
C LYS C 20 14.74 -43.43 -9.21
N MET C 21 13.52 -42.93 -9.42
CA MET C 21 13.09 -42.57 -10.77
C MET C 21 13.82 -41.34 -11.28
N GLU C 22 14.13 -40.39 -10.40
CA GLU C 22 14.78 -39.15 -10.81
C GLU C 22 16.25 -39.33 -11.13
N ALA C 23 16.84 -40.48 -10.79
CA ALA C 23 18.26 -40.74 -11.04
C ALA C 23 18.51 -41.62 -12.25
N ASN C 24 17.46 -42.09 -12.91
CA ASN C 24 17.60 -43.00 -14.04
C ASN C 24 17.57 -42.29 -15.39
N ILE C 25 17.49 -40.97 -15.40
CA ILE C 25 17.43 -40.24 -16.66
C ILE C 25 18.83 -40.07 -17.24
N ASP C 26 18.88 -39.77 -18.54
CA ASP C 26 20.13 -39.51 -19.24
C ASP C 26 20.31 -38.00 -19.39
N ARG C 27 21.48 -37.51 -19.00
CA ARG C 27 21.77 -36.09 -18.98
C ARG C 27 22.83 -35.76 -20.02
N ILE C 28 22.57 -34.74 -20.83
CA ILE C 28 23.52 -34.30 -21.85
C ILE C 28 24.50 -33.32 -21.22
N LYS C 29 25.60 -33.05 -21.93
CA LYS C 29 26.60 -32.11 -21.43
C LYS C 29 26.04 -30.69 -21.43
N VAL C 30 26.55 -29.88 -20.50
CA VAL C 30 26.10 -28.50 -20.38
C VAL C 30 26.49 -27.70 -21.63
N SER C 31 27.65 -28.01 -22.22
CA SER C 31 28.12 -27.26 -23.38
C SER C 31 27.14 -27.38 -24.54
N LYS C 32 26.61 -28.58 -24.78
CA LYS C 32 25.61 -28.74 -25.85
C LYS C 32 24.30 -28.06 -25.47
N ALA C 33 23.93 -28.11 -24.18
CA ALA C 33 22.69 -27.46 -23.75
C ALA C 33 22.78 -25.95 -23.91
N ALA C 34 23.93 -25.36 -23.56
CA ALA C 34 24.09 -23.92 -23.70
C ALA C 34 24.18 -23.50 -25.15
N ALA C 35 24.70 -24.38 -26.02
CA ALA C 35 24.82 -24.07 -27.44
C ALA C 35 23.48 -24.05 -28.16
N ASP C 36 22.43 -24.62 -27.56
CA ASP C 36 21.12 -24.63 -28.19
C ASP C 36 20.29 -23.40 -27.87
N LEU C 37 20.47 -22.83 -26.67
CA LEU C 37 19.81 -21.56 -26.36
C LEU C 37 20.39 -20.43 -27.20
N MET C 38 21.70 -20.44 -27.42
CA MET C 38 22.32 -19.46 -28.31
C MET C 38 21.78 -19.57 -29.72
N ALA C 39 21.59 -20.81 -30.21
CA ALA C 39 21.09 -21.01 -31.56
C ALA C 39 19.66 -20.47 -31.71
N TYR C 40 18.84 -20.61 -30.67
CA TYR C 40 17.46 -20.14 -30.74
C TYR C 40 17.39 -18.62 -30.83
N CYS C 41 18.17 -17.92 -30.00
CA CYS C 41 18.12 -16.46 -29.99
C CYS C 41 18.61 -15.88 -31.30
N GLU C 42 19.64 -16.49 -31.89
CA GLU C 42 20.18 -15.97 -33.14
C GLU C 42 19.16 -16.04 -34.27
N ALA C 43 18.40 -17.13 -34.35
CA ALA C 43 17.47 -17.32 -35.46
C ALA C 43 16.16 -16.56 -35.29
N HIS C 44 15.92 -15.93 -34.14
CA HIS C 44 14.69 -15.20 -33.90
C HIS C 44 14.93 -13.75 -33.45
N ALA C 45 16.17 -13.27 -33.52
CA ALA C 45 16.46 -11.90 -33.09
C ALA C 45 15.86 -10.86 -34.01
N LYS C 46 15.42 -11.25 -35.21
CA LYS C 46 14.83 -10.30 -36.15
C LYS C 46 13.34 -10.09 -35.93
N GLU C 47 12.71 -10.86 -35.05
CA GLU C 47 11.29 -10.74 -34.77
C GLU C 47 11.02 -10.51 -33.28
N ASP C 48 11.96 -9.85 -32.59
CA ASP C 48 11.81 -9.47 -31.18
C ASP C 48 11.66 -7.96 -31.11
N PRO C 49 10.44 -7.43 -31.19
CA PRO C 49 10.27 -5.96 -31.21
C PRO C 49 10.85 -5.25 -30.01
N LEU C 50 10.88 -5.91 -28.84
CA LEU C 50 11.48 -5.29 -27.67
C LEU C 50 12.99 -5.18 -27.78
N LEU C 51 13.62 -6.12 -28.48
CA LEU C 51 15.07 -6.09 -28.67
C LEU C 51 15.44 -5.14 -29.80
N THR C 52 14.99 -5.43 -31.00
CA THR C 52 15.23 -4.55 -32.14
C THR C 52 14.09 -3.55 -32.24
N PRO C 53 14.36 -2.25 -32.06
CA PRO C 53 13.26 -1.27 -32.09
C PRO C 53 12.54 -1.27 -33.43
N VAL C 54 11.22 -1.15 -33.36
CA VAL C 54 10.36 -1.20 -34.53
C VAL C 54 9.90 0.23 -34.84
N PRO C 55 9.96 0.68 -36.10
CA PRO C 55 9.49 2.03 -36.41
C PRO C 55 8.01 2.19 -36.11
N ALA C 56 7.63 3.41 -35.72
CA ALA C 56 6.26 3.70 -35.29
C ALA C 56 5.24 3.58 -36.42
N SER C 57 5.67 3.29 -37.65
CA SER C 57 4.72 3.15 -38.75
C SER C 57 3.80 1.95 -38.52
N GLU C 58 4.35 0.82 -38.09
CA GLU C 58 3.58 -0.38 -37.84
C GLU C 58 3.42 -0.68 -36.35
N ASN C 59 3.86 0.23 -35.49
CA ASN C 59 3.69 0.05 -34.05
C ASN C 59 2.26 0.39 -33.67
N PRO C 60 1.50 -0.54 -33.08
CA PRO C 60 0.10 -0.25 -32.73
C PRO C 60 -0.09 0.48 -31.42
N PHE C 61 1.00 0.87 -30.74
CA PHE C 61 0.90 1.58 -29.47
C PHE C 61 1.35 3.03 -29.57
N ARG C 62 1.42 3.56 -30.79
CA ARG C 62 1.72 4.98 -30.99
C ARG C 62 0.46 5.73 -31.43
N THR D 9 -13.16 3.24 -41.96
CA THR D 9 -14.21 4.08 -42.51
C THR D 9 -15.36 4.24 -41.52
N GLU D 10 -16.57 3.97 -41.99
CA GLU D 10 -17.74 4.10 -41.12
C GLU D 10 -17.80 2.98 -40.09
N ASP D 11 -17.34 1.78 -40.46
CA ASP D 11 -17.36 0.65 -39.53
C ASP D 11 -16.47 0.91 -38.32
N GLN D 12 -15.29 1.48 -38.55
CA GLN D 12 -14.42 1.83 -37.43
C GLN D 12 -15.06 2.87 -36.53
N ARG D 13 -15.74 3.85 -37.12
CA ARG D 13 -16.43 4.86 -36.32
C ARG D 13 -17.52 4.23 -35.46
N ASN D 14 -18.31 3.33 -36.04
CA ASN D 14 -19.36 2.66 -35.28
C ASN D 14 -18.79 1.81 -34.16
N GLU D 15 -17.72 1.07 -34.44
CA GLU D 15 -17.09 0.24 -33.42
C GLU D 15 -16.54 1.10 -32.29
N GLU D 16 -15.89 2.22 -32.63
CA GLU D 16 -15.34 3.10 -31.61
C GLU D 16 -16.46 3.73 -30.77
N LYS D 17 -17.57 4.10 -31.40
CA LYS D 17 -18.69 4.66 -30.65
C LYS D 17 -19.25 3.63 -29.67
N ALA D 18 -19.44 2.39 -30.14
CA ALA D 18 -19.96 1.35 -29.24
C ALA D 18 -18.99 1.08 -28.09
N GLN D 19 -17.69 1.02 -28.39
CA GLN D 19 -16.69 0.77 -27.36
C GLN D 19 -16.66 1.91 -26.34
N ARG D 20 -16.76 3.15 -26.80
CA ARG D 20 -16.79 4.29 -25.89
C ARG D 20 -18.03 4.27 -25.02
N GLU D 21 -19.18 3.92 -25.60
CA GLU D 21 -20.41 3.82 -24.81
C GLU D 21 -20.26 2.76 -23.72
N ALA D 22 -19.71 1.60 -24.05
CA ALA D 22 -19.53 0.54 -23.07
C ALA D 22 -18.55 0.96 -21.98
N ASN D 23 -17.45 1.62 -22.37
CA ASN D 23 -16.47 2.07 -21.39
C ASN D 23 -17.08 3.10 -20.44
N LYS D 24 -17.88 4.03 -20.97
CA LYS D 24 -18.52 5.03 -20.12
C LYS D 24 -19.52 4.38 -19.17
N LYS D 25 -20.30 3.41 -19.66
CA LYS D 25 -21.23 2.70 -18.80
C LYS D 25 -20.50 1.96 -17.68
N ILE D 26 -19.37 1.32 -17.99
CA ILE D 26 -18.59 0.65 -16.97
C ILE D 26 -18.04 1.65 -15.97
N GLU D 27 -17.48 2.76 -16.45
CA GLU D 27 -16.88 3.74 -15.56
C GLU D 27 -17.92 4.40 -14.65
N LYS D 28 -19.18 4.48 -15.09
CA LYS D 28 -20.24 4.95 -14.21
C LYS D 28 -20.42 4.00 -13.02
N GLN D 29 -20.36 2.69 -13.26
CA GLN D 29 -20.54 1.73 -12.18
C GLN D 29 -19.33 1.71 -11.25
N LEU D 30 -18.14 1.93 -11.79
CA LEU D 30 -16.93 1.95 -10.98
C LEU D 30 -16.85 3.15 -10.05
N GLN D 31 -17.74 4.12 -10.22
CA GLN D 31 -17.69 5.35 -9.41
C GLN D 31 -18.41 5.19 -8.08
N LYS D 32 -19.52 4.45 -8.06
CA LYS D 32 -20.21 4.19 -6.81
C LYS D 32 -19.42 3.19 -5.95
N ASP D 33 -18.80 2.20 -6.58
CA ASP D 33 -18.01 1.23 -5.83
C ASP D 33 -16.81 1.88 -5.17
N LYS D 34 -16.26 2.94 -5.78
CA LYS D 34 -15.20 3.69 -5.12
C LYS D 34 -15.71 4.35 -3.85
N GLN D 35 -16.94 4.86 -3.89
CA GLN D 35 -17.51 5.50 -2.70
C GLN D 35 -17.80 4.46 -1.61
N VAL D 36 -18.26 3.28 -1.99
CA VAL D 36 -18.52 2.23 -1.00
C VAL D 36 -17.21 1.72 -0.41
N TYR D 37 -16.16 1.62 -1.23
CA TYR D 37 -14.89 1.08 -0.76
C TYR D 37 -14.27 1.96 0.33
N ARG D 38 -14.39 3.29 0.17
CA ARG D 38 -13.76 4.20 1.11
C ARG D 38 -14.49 4.29 2.45
N ALA D 39 -15.74 3.84 2.51
CA ALA D 39 -16.54 3.91 3.73
C ALA D 39 -16.41 2.67 4.60
N THR D 40 -15.60 1.69 4.20
CA THR D 40 -15.55 0.39 4.86
C THR D 40 -14.19 0.18 5.50
N HIS D 41 -14.19 -0.45 6.67
CA HIS D 41 -12.97 -0.76 7.40
C HIS D 41 -12.77 -2.27 7.42
N ARG D 42 -11.60 -2.72 6.99
CA ARG D 42 -11.27 -4.14 6.93
C ARG D 42 -10.60 -4.58 8.22
N LEU D 43 -11.09 -5.68 8.79
CA LEU D 43 -10.58 -6.22 10.06
C LEU D 43 -10.16 -7.67 9.86
N LEU D 44 -8.95 -8.00 10.29
CA LEU D 44 -8.44 -9.37 10.23
C LEU D 44 -8.61 -10.02 11.60
N LEU D 45 -9.31 -11.14 11.64
CA LEU D 45 -9.62 -11.83 12.87
C LEU D 45 -8.75 -13.08 12.99
N LEU D 46 -7.90 -13.11 14.03
CA LEU D 46 -7.02 -14.22 14.30
C LEU D 46 -7.47 -14.94 15.58
N GLY D 47 -6.69 -15.92 15.99
CA GLY D 47 -6.97 -16.68 17.17
C GLY D 47 -6.78 -18.16 16.92
N ALA D 48 -7.44 -18.98 17.74
CA ALA D 48 -7.35 -20.42 17.64
C ALA D 48 -8.75 -21.02 17.73
N GLY D 49 -8.87 -22.28 17.30
CA GLY D 49 -10.15 -22.96 17.38
C GLY D 49 -10.59 -23.21 18.80
N GLU D 50 -9.64 -23.36 19.72
CA GLU D 50 -9.97 -23.55 21.13
C GLU D 50 -10.60 -22.30 21.73
N SER D 51 -10.13 -21.12 21.33
CA SER D 51 -10.68 -19.87 21.82
C SER D 51 -12.12 -19.71 21.32
N GLY D 52 -12.84 -18.79 21.96
CA GLY D 52 -14.24 -18.57 21.63
C GLY D 52 -14.45 -17.71 20.40
N LYS D 53 -13.54 -17.83 19.43
CA LYS D 53 -13.59 -16.98 18.25
C LYS D 53 -14.85 -17.21 17.43
N SER D 54 -15.29 -18.47 17.32
CA SER D 54 -16.44 -18.79 16.48
C SER D 54 -17.72 -18.17 17.03
N THR D 55 -17.90 -18.20 18.35
CA THR D 55 -19.11 -17.63 18.94
C THR D 55 -19.16 -16.12 18.77
N ILE D 56 -18.01 -15.47 18.82
CA ILE D 56 -17.94 -14.02 18.62
C ILE D 56 -18.41 -13.66 17.21
N VAL D 57 -17.99 -14.44 16.21
CA VAL D 57 -18.41 -14.19 14.83
C VAL D 57 -19.92 -14.38 14.70
N LYS D 58 -20.47 -15.41 15.35
CA LYS D 58 -21.90 -15.62 15.31
C LYS D 58 -22.65 -14.46 15.94
N GLN D 59 -22.15 -13.93 17.06
CA GLN D 59 -22.76 -12.75 17.67
C GLN D 59 -22.70 -11.55 16.74
N MET D 60 -21.57 -11.36 16.06
CA MET D 60 -21.44 -10.24 15.13
C MET D 60 -22.45 -10.36 13.99
N ARG D 61 -22.60 -11.58 13.45
CA ARG D 61 -23.53 -11.78 12.34
C ARG D 61 -24.97 -11.54 12.77
N ILE D 62 -25.34 -12.01 13.97
CA ILE D 62 -26.70 -11.88 14.45
C ILE D 62 -26.97 -10.47 14.95
N SER D 205 -13.94 -25.15 2.02
CA SER D 205 -14.15 -24.09 2.99
C SER D 205 -12.96 -23.13 3.03
N GLY D 206 -13.10 -22.00 2.35
CA GLY D 206 -12.02 -21.03 2.29
C GLY D 206 -12.15 -19.95 3.35
N ILE D 207 -11.89 -18.70 2.98
CA ILE D 207 -11.99 -17.60 3.92
C ILE D 207 -13.45 -17.37 4.30
N PHE D 208 -13.67 -16.96 5.54
CA PHE D 208 -14.99 -16.57 6.02
C PHE D 208 -15.05 -15.05 6.11
N GLU D 209 -16.05 -14.45 5.49
CA GLU D 209 -16.21 -13.01 5.47
C GLU D 209 -17.55 -12.63 6.08
N THR D 210 -17.56 -11.50 6.79
CA THR D 210 -18.74 -11.04 7.52
C THR D 210 -18.84 -9.53 7.38
N LYS D 211 -20.04 -9.03 7.13
CA LYS D 211 -20.31 -7.61 7.04
C LYS D 211 -21.23 -7.20 8.19
N PHE D 212 -20.82 -6.18 8.94
CA PHE D 212 -21.69 -5.58 9.94
C PHE D 212 -21.44 -4.08 9.96
N GLN D 213 -22.45 -3.34 10.43
CA GLN D 213 -22.44 -1.88 10.38
C GLN D 213 -22.84 -1.32 11.74
N VAL D 214 -22.13 -0.31 12.19
CA VAL D 214 -22.42 0.36 13.46
C VAL D 214 -22.35 1.87 13.23
N ASP D 215 -23.42 2.58 13.57
CA ASP D 215 -23.49 4.03 13.46
C ASP D 215 -23.12 4.51 12.06
N LYS D 216 -23.72 3.86 11.07
CA LYS D 216 -23.53 4.18 9.65
C LYS D 216 -22.09 3.99 9.20
N VAL D 217 -21.31 3.18 9.91
CA VAL D 217 -19.93 2.86 9.55
C VAL D 217 -19.87 1.39 9.18
N ASN D 218 -19.33 1.09 8.00
CA ASN D 218 -19.32 -0.27 7.47
C ASN D 218 -18.05 -0.99 7.89
N PHE D 219 -18.21 -2.18 8.44
CA PHE D 219 -17.11 -3.05 8.84
C PHE D 219 -17.15 -4.34 8.02
N HIS D 220 -16.00 -4.98 7.90
CA HIS D 220 -15.86 -6.12 6.99
C HIS D 220 -14.73 -6.99 7.53
N MET D 221 -15.07 -8.14 8.10
CA MET D 221 -14.17 -8.95 8.89
C MET D 221 -13.91 -10.30 8.23
N PHE D 222 -12.72 -10.85 8.47
CA PHE D 222 -12.24 -12.03 7.76
C PHE D 222 -11.68 -13.05 8.74
N ASP D 223 -12.10 -14.30 8.60
CA ASP D 223 -11.57 -15.41 9.39
C ASP D 223 -10.65 -16.24 8.51
N VAL D 224 -9.43 -16.48 8.97
CA VAL D 224 -8.43 -17.22 8.21
C VAL D 224 -8.21 -18.59 8.84
N GLY D 225 -9.23 -19.13 9.49
CA GLY D 225 -9.14 -20.47 10.04
C GLY D 225 -9.59 -21.52 9.06
N ALA D 226 -8.93 -21.58 7.90
CA ALA D 226 -9.31 -22.48 6.81
C ALA D 226 -8.10 -23.33 6.40
N GLN D 227 -7.91 -24.45 7.10
CA GLN D 227 -6.88 -25.43 6.75
C GLN D 227 -5.51 -24.77 6.61
N ARG D 228 -5.06 -24.14 7.69
CA ARG D 228 -3.84 -23.35 7.68
C ARG D 228 -2.77 -24.02 8.55
N ASP D 229 -1.56 -23.49 8.45
CA ASP D 229 -0.42 -23.94 9.23
C ASP D 229 0.40 -22.72 9.63
N GLU D 230 1.59 -22.96 10.15
CA GLU D 230 2.48 -21.88 10.50
C GLU D 230 3.16 -21.34 9.24
N ARG D 231 4.09 -20.39 9.43
CA ARG D 231 4.76 -19.71 8.33
C ARG D 231 3.75 -19.12 7.36
N ARG D 232 2.97 -18.16 7.87
CA ARG D 232 1.86 -17.57 7.13
C ARG D 232 2.40 -16.77 5.95
N LYS D 233 2.21 -17.29 4.74
CA LYS D 233 2.61 -16.58 3.54
C LYS D 233 1.54 -15.60 3.07
N TRP D 234 0.27 -15.93 3.31
CA TRP D 234 -0.87 -15.09 2.94
C TRP D 234 -0.99 -13.84 3.79
N ILE D 235 -0.17 -13.71 4.84
CA ILE D 235 -0.30 -12.60 5.78
C ILE D 235 -0.03 -11.24 5.16
N GLN D 236 0.53 -11.19 3.95
CA GLN D 236 0.82 -9.91 3.31
C GLN D 236 -0.38 -9.33 2.61
N CYS D 237 -1.48 -10.08 2.47
CA CYS D 237 -2.68 -9.54 1.84
C CYS D 237 -3.42 -8.57 2.75
N PHE D 238 -3.07 -8.54 4.04
CA PHE D 238 -3.76 -7.72 5.03
C PHE D 238 -2.84 -6.67 5.63
N ASN D 239 -2.02 -6.03 4.80
CA ASN D 239 -1.10 -5.02 5.29
C ASN D 239 -1.71 -3.62 5.29
N ASP D 240 -2.97 -3.49 4.90
CA ASP D 240 -3.69 -2.22 4.95
C ASP D 240 -5.07 -2.42 5.54
N VAL D 241 -5.15 -3.19 6.62
CA VAL D 241 -6.38 -3.33 7.39
C VAL D 241 -6.34 -2.31 8.52
N THR D 242 -7.52 -1.96 9.05
CA THR D 242 -7.57 -1.05 10.19
C THR D 242 -6.95 -1.68 11.43
N ALA D 243 -7.37 -2.89 11.77
CA ALA D 243 -6.93 -3.53 13.00
C ALA D 243 -6.94 -5.03 12.84
N ILE D 244 -6.26 -5.70 13.77
CA ILE D 244 -6.26 -7.15 13.88
C ILE D 244 -6.97 -7.50 15.18
N ILE D 245 -7.91 -8.43 15.12
CA ILE D 245 -8.66 -8.86 16.30
C ILE D 245 -8.07 -10.20 16.73
N PHE D 246 -7.29 -10.17 17.80
CA PHE D 246 -6.62 -11.35 18.33
C PHE D 246 -7.42 -11.87 19.53
N VAL D 247 -7.93 -13.08 19.42
CA VAL D 247 -8.81 -13.66 20.43
C VAL D 247 -8.06 -14.77 21.15
N VAL D 248 -8.05 -14.72 22.48
CA VAL D 248 -7.31 -15.66 23.32
C VAL D 248 -8.25 -16.22 24.37
N ALA D 249 -8.18 -17.52 24.59
CA ALA D 249 -8.90 -18.16 25.69
C ALA D 249 -8.03 -18.08 26.94
N SER D 250 -8.45 -17.24 27.89
CA SER D 250 -7.64 -16.99 29.08
C SER D 250 -7.64 -18.14 30.06
N SER D 251 -8.63 -19.04 29.96
CA SER D 251 -8.76 -20.15 30.89
C SER D 251 -7.98 -21.39 30.45
N SER D 252 -7.23 -21.31 29.36
CA SER D 252 -6.50 -22.44 28.83
C SER D 252 -5.06 -22.53 29.35
N TYR D 253 -4.78 -21.90 30.49
CA TYR D 253 -3.41 -21.93 31.02
C TYR D 253 -3.02 -23.34 31.46
N ASN D 254 -3.95 -24.07 32.08
CA ASN D 254 -3.64 -25.41 32.55
C ASN D 254 -3.75 -26.45 31.45
N MET D 255 -4.57 -26.20 30.44
CA MET D 255 -4.74 -27.16 29.36
C MET D 255 -3.47 -27.24 28.52
N VAL D 256 -3.13 -28.45 28.09
CA VAL D 256 -1.92 -28.68 27.31
C VAL D 256 -2.27 -29.35 25.99
N THR D 263 3.24 -28.02 24.64
CA THR D 263 3.33 -26.96 25.65
C THR D 263 1.95 -26.41 25.99
N ASN D 264 1.92 -25.35 26.79
CA ASN D 264 0.67 -24.74 27.20
C ASN D 264 -0.02 -24.08 26.01
N ARG D 265 -1.36 -24.09 26.05
CA ARG D 265 -2.12 -23.36 25.04
C ARG D 265 -1.89 -21.86 25.15
N LEU D 266 -1.82 -21.35 26.38
CA LEU D 266 -1.57 -19.92 26.57
C LEU D 266 -0.18 -19.53 26.09
N GLN D 267 0.80 -20.41 26.30
CA GLN D 267 2.15 -20.14 25.77
C GLN D 267 2.15 -20.13 24.25
N GLU D 268 1.37 -21.02 23.63
CA GLU D 268 1.25 -21.01 22.18
C GLU D 268 0.62 -19.71 21.70
N ALA D 269 -0.42 -19.24 22.40
CA ALA D 269 -1.03 -17.97 22.05
C ALA D 269 -0.06 -16.81 22.19
N LEU D 270 0.76 -16.84 23.25
CA LEU D 270 1.76 -15.78 23.43
C LEU D 270 2.80 -15.81 22.32
N ASN D 271 3.25 -17.00 21.93
CA ASN D 271 4.20 -17.11 20.83
C ASN D 271 3.60 -16.61 19.52
N LEU D 272 2.33 -16.94 19.26
CA LEU D 272 1.68 -16.46 18.05
C LEU D 272 1.52 -14.94 18.08
N PHE D 273 1.20 -14.38 19.25
CA PHE D 273 1.07 -12.92 19.34
C PHE D 273 2.41 -12.24 19.11
N LYS D 274 3.49 -12.81 19.64
CA LYS D 274 4.82 -12.23 19.40
C LYS D 274 5.21 -12.34 17.93
N SER D 275 4.83 -13.45 17.29
CA SER D 275 5.11 -13.61 15.86
C SER D 275 4.35 -12.59 15.02
N ILE D 276 3.07 -12.37 15.33
CA ILE D 276 2.25 -11.43 14.57
C ILE D 276 2.71 -10.00 14.84
N TRP D 277 3.10 -9.70 16.08
CA TRP D 277 3.44 -8.34 16.46
C TRP D 277 4.68 -7.84 15.72
N ASN D 278 5.67 -8.71 15.53
CA ASN D 278 6.94 -8.34 14.92
C ASN D 278 6.99 -8.63 13.42
N ASN D 279 5.87 -8.98 12.80
CA ASN D 279 5.85 -9.25 11.37
C ASN D 279 6.18 -7.99 10.59
N ARG D 280 6.93 -8.16 9.50
CA ARG D 280 7.36 -7.00 8.71
C ARG D 280 6.20 -6.36 7.97
N TRP D 281 5.18 -7.14 7.60
CA TRP D 281 4.03 -6.62 6.87
C TRP D 281 2.98 -6.02 7.79
N LEU D 282 3.19 -6.06 9.10
CA LEU D 282 2.23 -5.61 10.09
C LEU D 282 2.86 -4.61 11.05
N ARG D 283 3.73 -3.75 10.53
CA ARG D 283 4.42 -2.75 11.34
C ARG D 283 3.61 -1.47 11.50
N THR D 284 2.43 -1.38 10.90
CA THR D 284 1.55 -0.23 11.03
C THR D 284 0.13 -0.63 11.38
N ILE D 285 -0.07 -1.89 11.80
CA ILE D 285 -1.38 -2.44 12.08
C ILE D 285 -1.50 -2.63 13.58
N SER D 286 -2.54 -2.04 14.17
CA SER D 286 -2.79 -2.21 15.59
C SER D 286 -3.60 -3.47 15.85
N VAL D 287 -3.51 -3.97 17.07
CA VAL D 287 -4.13 -5.23 17.45
C VAL D 287 -5.13 -4.98 18.57
N ILE D 288 -6.36 -5.43 18.39
CA ILE D 288 -7.40 -5.40 19.41
C ILE D 288 -7.40 -6.77 20.07
N LEU D 289 -6.97 -6.84 21.33
CA LEU D 289 -6.74 -8.09 22.02
C LEU D 289 -7.93 -8.43 22.90
N PHE D 290 -8.58 -9.55 22.62
CA PHE D 290 -9.68 -10.05 23.43
C PHE D 290 -9.17 -11.18 24.33
N LEU D 291 -9.27 -11.00 25.64
CA LEU D 291 -8.90 -12.03 26.60
C LEU D 291 -10.20 -12.74 26.99
N ASN D 292 -10.56 -13.74 26.20
CA ASN D 292 -11.88 -14.34 26.24
C ASN D 292 -11.98 -15.39 27.36
N LYS D 293 -13.21 -15.89 27.55
CA LYS D 293 -13.51 -16.96 28.51
C LYS D 293 -13.08 -16.57 29.92
N GLN D 294 -13.56 -15.40 30.37
CA GLN D 294 -13.22 -14.92 31.70
C GLN D 294 -14.00 -15.64 32.79
N ASP D 295 -15.24 -16.03 32.52
CA ASP D 295 -16.02 -16.76 33.51
C ASP D 295 -15.40 -18.13 33.80
N LEU D 296 -14.93 -18.82 32.76
CA LEU D 296 -14.26 -20.10 32.97
C LEU D 296 -12.99 -19.92 33.78
N LEU D 297 -12.22 -18.87 33.50
CA LEU D 297 -11.02 -18.60 34.27
C LEU D 297 -11.35 -18.31 35.73
N ALA D 298 -12.42 -17.54 35.96
CA ALA D 298 -12.82 -17.25 37.34
C ALA D 298 -13.23 -18.52 38.07
N GLU D 299 -13.98 -19.40 37.41
CA GLU D 299 -14.38 -20.65 38.03
C GLU D 299 -13.16 -21.54 38.32
N LYS D 300 -12.21 -21.59 37.39
CA LYS D 300 -11.01 -22.39 37.61
C LYS D 300 -10.19 -21.85 38.78
N VAL D 301 -10.04 -20.53 38.86
CA VAL D 301 -9.24 -19.94 39.93
C VAL D 301 -9.93 -20.11 41.27
N LEU D 302 -11.27 -19.94 41.30
CA LEU D 302 -12.00 -20.02 42.56
C LEU D 302 -11.82 -21.38 43.22
N ALA D 303 -12.30 -22.44 42.57
CA ALA D 303 -12.19 -23.79 43.08
C ALA D 303 -11.54 -24.69 42.03
N GLY D 304 -10.67 -25.58 42.48
CA GLY D 304 -9.99 -26.49 41.59
C GLY D 304 -8.58 -26.82 42.02
N LYS D 305 -7.88 -27.63 41.21
CA LYS D 305 -6.51 -28.04 41.50
C LYS D 305 -5.50 -27.39 40.56
N SER D 306 -5.93 -26.44 39.73
CA SER D 306 -5.05 -25.80 38.76
C SER D 306 -4.42 -24.57 39.40
N LYS D 307 -3.11 -24.62 39.61
CA LYS D 307 -2.35 -23.52 40.17
C LYS D 307 -1.52 -22.87 39.07
N ILE D 308 -1.64 -21.55 38.93
CA ILE D 308 -0.94 -20.84 37.87
C ILE D 308 0.57 -20.90 38.11
N GLU D 309 0.99 -20.84 39.37
CA GLU D 309 2.42 -20.89 39.68
C GLU D 309 3.07 -22.19 39.21
N ASP D 310 2.30 -23.28 39.10
CA ASP D 310 2.85 -24.52 38.59
C ASP D 310 3.28 -24.39 37.13
N TYR D 311 2.46 -23.74 36.31
CA TYR D 311 2.77 -23.57 34.89
C TYR D 311 3.55 -22.29 34.62
N PHE D 312 3.19 -21.19 35.28
CA PHE D 312 3.89 -19.92 35.13
C PHE D 312 4.56 -19.57 36.44
N PRO D 313 5.88 -19.79 36.58
CA PRO D 313 6.53 -19.51 37.86
C PRO D 313 6.55 -18.05 38.26
N GLU D 314 6.41 -17.13 37.30
CA GLU D 314 6.46 -15.70 37.63
C GLU D 314 5.24 -15.23 38.39
N PHE D 315 4.14 -15.99 38.36
CA PHE D 315 2.94 -15.61 39.09
C PHE D 315 3.13 -15.61 40.61
N ALA D 316 4.20 -16.25 41.10
CA ALA D 316 4.44 -16.30 42.54
C ALA D 316 4.87 -14.96 43.11
N ARG D 317 5.20 -13.98 42.26
CA ARG D 317 5.63 -12.66 42.73
C ARG D 317 4.82 -11.53 42.10
N TYR D 318 3.78 -11.83 41.34
CA TYR D 318 3.00 -10.79 40.68
C TYR D 318 2.18 -10.02 41.70
N THR D 319 2.03 -8.71 41.43
CA THR D 319 1.24 -7.83 42.27
C THR D 319 0.25 -7.08 41.39
N THR D 320 -1.00 -7.00 41.84
CA THR D 320 -2.04 -6.38 41.06
C THR D 320 -1.71 -4.91 40.81
N PRO D 321 -1.77 -4.45 39.55
CA PRO D 321 -1.47 -3.05 39.28
C PRO D 321 -2.52 -2.11 39.85
N GLU D 322 -2.10 -0.88 40.13
CA GLU D 322 -3.00 0.08 40.76
C GLU D 322 -4.09 0.54 39.80
N ASP D 323 -3.84 0.51 38.50
CA ASP D 323 -4.84 0.91 37.51
C ASP D 323 -5.79 -0.25 37.20
N ALA D 324 -6.31 -0.87 38.24
CA ALA D 324 -7.21 -2.01 38.12
C ALA D 324 -8.61 -1.57 38.52
N THR D 325 -9.60 -1.94 37.71
CA THR D 325 -11.01 -1.60 37.97
C THR D 325 -11.81 -2.89 37.97
N PRO D 326 -11.66 -3.71 39.02
CA PRO D 326 -12.36 -4.99 39.05
C PRO D 326 -13.85 -4.82 39.25
N GLU D 327 -14.59 -5.85 38.84
CA GLU D 327 -16.02 -5.88 39.10
C GLU D 327 -16.26 -5.95 40.60
N PRO D 328 -17.32 -5.32 41.11
CA PRO D 328 -17.49 -5.22 42.56
C PRO D 328 -17.63 -6.56 43.26
N GLY D 329 -18.23 -7.56 42.62
CA GLY D 329 -18.44 -8.86 43.24
C GLY D 329 -17.34 -9.87 43.04
N GLU D 330 -16.29 -9.53 42.29
CA GLU D 330 -15.27 -10.52 41.96
C GLU D 330 -14.34 -10.78 43.14
N ASP D 331 -13.92 -12.04 43.26
CA ASP D 331 -12.90 -12.42 44.23
C ASP D 331 -11.58 -11.75 43.85
N PRO D 332 -10.91 -11.08 44.79
CA PRO D 332 -9.62 -10.44 44.46
C PRO D 332 -8.56 -11.41 43.98
N ARG D 333 -8.71 -12.71 44.25
CA ARG D 333 -7.79 -13.69 43.68
C ARG D 333 -7.95 -13.76 42.16
N VAL D 334 -9.18 -13.65 41.67
CA VAL D 334 -9.43 -13.76 40.23
C VAL D 334 -8.82 -12.58 39.48
N THR D 335 -8.93 -11.38 40.05
CA THR D 335 -8.45 -10.18 39.36
C THR D 335 -6.94 -10.24 39.14
N ARG D 336 -6.20 -10.79 40.11
CA ARG D 336 -4.75 -10.87 39.98
C ARG D 336 -4.34 -11.70 38.78
N ALA D 337 -4.99 -12.85 38.57
CA ALA D 337 -4.69 -13.70 37.43
C ALA D 337 -5.01 -12.99 36.11
N LYS D 338 -6.17 -12.32 36.05
CA LYS D 338 -6.54 -11.59 34.84
C LYS D 338 -5.46 -10.58 34.47
N TYR D 339 -5.07 -9.75 35.44
CA TYR D 339 -4.11 -8.70 35.11
C TYR D 339 -2.72 -9.27 34.89
N PHE D 340 -2.40 -10.42 35.48
CA PHE D 340 -1.13 -11.07 35.18
C PHE D 340 -1.07 -11.51 33.72
N ILE D 341 -2.15 -12.14 33.23
CA ILE D 341 -2.17 -12.55 31.82
C ILE D 341 -2.14 -11.34 30.90
N ARG D 342 -2.93 -10.30 31.23
CA ARG D 342 -2.94 -9.10 30.41
C ARG D 342 -1.57 -8.46 30.35
N ASP D 343 -0.88 -8.38 31.49
CA ASP D 343 0.47 -7.81 31.50
C ASP D 343 1.46 -8.70 30.78
N GLU D 344 1.24 -10.02 30.79
CA GLU D 344 2.10 -10.92 30.03
C GLU D 344 2.00 -10.62 28.54
N PHE D 345 0.79 -10.34 28.05
CA PHE D 345 0.66 -9.93 26.65
C PHE D 345 1.24 -8.54 26.41
N LEU D 346 1.01 -7.61 27.35
CA LEU D 346 1.48 -6.24 27.16
C LEU D 346 3.00 -6.12 27.22
N ARG D 347 3.69 -7.04 27.90
CA ARG D 347 5.15 -7.03 27.90
C ARG D 347 5.69 -7.27 26.51
N ILE D 348 5.12 -8.25 25.79
CA ILE D 348 5.46 -8.48 24.39
C ILE D 348 5.06 -7.27 23.56
N SER D 349 3.88 -6.70 23.84
CA SER D 349 3.38 -5.58 23.06
C SER D 349 4.33 -4.38 23.11
N THR D 350 4.76 -4.01 24.32
CA THR D 350 5.55 -2.80 24.52
C THR D 350 7.06 -3.05 24.50
N ALA D 351 7.51 -4.31 24.44
CA ALA D 351 8.94 -4.56 24.34
C ALA D 351 9.47 -4.26 22.94
N SER D 352 8.59 -4.15 21.94
CA SER D 352 9.02 -3.85 20.58
C SER D 352 8.11 -2.82 19.91
N GLY D 353 7.26 -2.14 20.67
CA GLY D 353 6.37 -1.13 20.13
C GLY D 353 7.10 -0.03 19.41
N ASP D 354 6.66 0.27 18.19
CA ASP D 354 7.34 1.24 17.34
C ASP D 354 6.76 2.65 17.43
N GLY D 355 5.53 2.79 17.91
CA GLY D 355 4.84 4.06 17.89
C GLY D 355 3.85 4.21 16.77
N ARG D 356 3.88 3.33 15.76
CA ARG D 356 2.90 3.33 14.69
C ARG D 356 1.73 2.39 14.93
N HIS D 357 1.89 1.40 15.81
CA HIS D 357 0.80 0.51 16.14
C HIS D 357 0.79 0.28 17.64
N TYR D 358 -0.40 0.00 18.18
CA TYR D 358 -0.61 -0.21 19.61
C TYR D 358 -1.44 -1.46 19.82
N CYS D 359 -1.69 -1.78 21.09
CA CYS D 359 -2.53 -2.90 21.48
C CYS D 359 -3.66 -2.40 22.39
N TYR D 360 -4.83 -3.02 22.25
CA TYR D 360 -6.04 -2.58 22.97
C TYR D 360 -6.64 -3.79 23.68
N PRO D 361 -6.10 -4.16 24.83
CA PRO D 361 -6.62 -5.34 25.55
C PRO D 361 -8.02 -5.12 26.10
N HIS D 362 -8.80 -6.20 26.11
CA HIS D 362 -10.14 -6.22 26.70
C HIS D 362 -10.35 -7.54 27.41
N PHE D 363 -11.14 -7.52 28.48
CA PHE D 363 -11.57 -8.73 29.17
C PHE D 363 -12.99 -9.03 28.72
N THR D 364 -13.14 -10.02 27.85
CA THR D 364 -14.41 -10.27 27.19
C THR D 364 -14.95 -11.65 27.58
N CYS D 365 -16.14 -11.95 27.04
CA CYS D 365 -16.72 -13.28 27.09
C CYS D 365 -17.27 -13.59 25.71
N SER D 366 -17.40 -14.89 25.42
CA SER D 366 -17.82 -15.30 24.09
C SER D 366 -19.20 -14.78 23.74
N VAL D 367 -20.09 -14.69 24.73
CA VAL D 367 -21.44 -14.18 24.50
C VAL D 367 -21.59 -12.81 25.15
N ASP D 368 -21.32 -11.76 24.37
CA ASP D 368 -21.42 -10.40 24.85
C ASP D 368 -21.96 -9.51 23.73
N THR D 369 -22.81 -8.56 24.10
CA THR D 369 -23.31 -7.56 23.17
C THR D 369 -22.41 -6.34 23.10
N GLU D 370 -21.35 -6.30 23.91
CA GLU D 370 -20.45 -5.15 23.97
C GLU D 370 -19.23 -5.28 23.07
N ASN D 371 -19.02 -6.44 22.45
CA ASN D 371 -17.81 -6.64 21.65
C ASN D 371 -17.84 -5.78 20.39
N ILE D 372 -19.02 -5.61 19.79
CA ILE D 372 -19.14 -4.79 18.60
C ILE D 372 -18.79 -3.34 18.92
N ARG D 373 -19.28 -2.83 20.05
CA ARG D 373 -18.94 -1.48 20.47
C ARG D 373 -17.46 -1.36 20.82
N ARG D 374 -16.87 -2.42 21.39
CA ARG D 374 -15.44 -2.41 21.65
C ARG D 374 -14.64 -2.25 20.37
N VAL D 375 -15.01 -3.01 19.33
CA VAL D 375 -14.31 -2.90 18.05
C VAL D 375 -14.51 -1.52 17.45
N PHE D 376 -15.73 -1.00 17.50
CA PHE D 376 -16.02 0.32 16.93
C PHE D 376 -15.20 1.40 17.63
N ASN D 377 -15.16 1.38 18.96
CA ASN D 377 -14.44 2.40 19.71
C ASN D 377 -12.93 2.28 19.50
N ASP D 378 -12.41 1.06 19.45
CA ASP D 378 -10.97 0.90 19.25
C ASP D 378 -10.56 1.33 17.84
N CYS D 379 -11.41 1.08 16.84
CA CYS D 379 -11.13 1.55 15.50
C CYS D 379 -11.17 3.07 15.42
N ARG D 380 -12.12 3.69 16.13
CA ARG D 380 -12.18 5.14 16.20
C ARG D 380 -10.92 5.72 16.82
N ASP D 381 -10.45 5.09 17.91
CA ASP D 381 -9.21 5.53 18.55
C ASP D 381 -8.02 5.35 17.62
N ILE D 382 -7.98 4.26 16.85
CA ILE D 382 -6.88 4.03 15.91
C ILE D 382 -6.84 5.12 14.85
N ILE D 383 -8.00 5.43 14.26
CA ILE D 383 -8.04 6.45 13.21
C ILE D 383 -7.67 7.82 13.78
N GLN D 384 -8.14 8.13 14.99
CA GLN D 384 -7.82 9.39 15.62
C GLN D 384 -6.32 9.53 15.90
N ARG D 385 -5.69 8.46 16.40
CA ARG D 385 -4.26 8.50 16.65
C ARG D 385 -3.47 8.62 15.36
N MET D 386 -3.95 7.99 14.29
CA MET D 386 -3.28 8.14 12.99
C MET D 386 -3.36 9.58 12.50
N HIS D 387 -4.52 10.21 12.63
CA HIS D 387 -4.65 11.62 12.28
C HIS D 387 -3.72 12.49 13.12
N LEU D 388 -3.66 12.24 14.42
CA LEU D 388 -2.79 13.02 15.28
C LEU D 388 -1.33 12.85 14.90
N ARG D 389 -0.93 11.62 14.55
CA ARG D 389 0.45 11.35 14.19
C ARG D 389 0.82 11.99 12.86
N GLN D 390 -0.11 12.08 11.91
CA GLN D 390 0.23 12.67 10.62
C GLN D 390 0.42 14.17 10.68
N TYR D 391 0.02 14.83 11.77
CA TYR D 391 0.22 16.26 11.94
C TYR D 391 1.37 16.59 12.88
N GLU D 392 2.23 15.60 13.17
CA GLU D 392 3.38 15.77 14.05
C GLU D 392 2.97 16.20 15.46
N LEU D 393 1.79 15.79 15.90
CA LEU D 393 1.35 16.01 17.27
C LEU D 393 1.51 14.77 18.15
N LEU D 394 1.96 13.65 17.58
CA LEU D 394 2.07 12.40 18.32
C LEU D 394 3.00 11.46 17.58
C4 A1IZU E . -3.16 48.77 3.05
C5 A1IZU E . -2.81 49.85 3.85
C6 A1IZU E . -3.30 49.94 5.17
C7 A1IZU E . -5.38 46.79 5.35
C8 A1IZU E . -2.96 51.08 6.09
C10 A1IZU E . -0.54 50.76 3.30
N12 A1IZU E . -0.42 52.88 2.21
C13 A1IZU E . -1.78 53.04 2.19
C15 A1IZU E . 0.16 49.57 3.88
C20 A1IZU E . -4.98 45.41 5.33
C21 A1IZU E . -7.48 46.08 6.34
C22 A1IZU E . -7.10 44.78 6.33
C24 A1IZU E . -5.23 43.24 5.68
C1 A1IZU E . -4.14 48.92 5.62
C11 A1IZU E . 0.26 51.81 2.74
C16 A1IZU E . -3.99 52.15 2.71
C19 A1IZU E . -6.63 47.08 5.86
C2 A1IZU E . -4.50 47.85 4.82
C25 A1IZU E . -4.02 43.50 5.12
C3 A1IZU E . -3.99 47.78 3.53
C9 A1IZU E . -1.92 50.89 3.29
N14 A1IZU E . -2.53 52.02 2.73
N23 A1IZU E . -5.86 44.46 5.81
N26 A1IZU E . -3.86 44.84 4.89
O17 A1IZU E . -2.30 54.03 1.69
O18 A1IZU E . 1.50 51.78 2.71
#